data_2EM6
#
_entry.id   2EM6
#
loop_
_entity.id
_entity.type
_entity.pdbx_description
1 polymer 'Zinc finger protein 224'
2 non-polymer 'ZINC ION'
#
_entity_poly.entity_id   1
_entity_poly.type   'polypeptide(L)'
_entity_poly.pdbx_seq_one_letter_code
;GSSGSSGMGEKCYKCDVCGKEFSQSSHLQTHQRVHTGEKPSGPSSG
;
_entity_poly.pdbx_strand_id   A
#
loop_
_chem_comp.id
_chem_comp.type
_chem_comp.name
_chem_comp.formula
ZN non-polymer 'ZINC ION' 'Zn 2'
#
# COMPACT_ATOMS: atom_id res chain seq x y z
N GLY A 1 -21.51 8.52 -10.70
CA GLY A 1 -20.49 8.98 -11.64
C GLY A 1 -20.39 8.09 -12.86
N SER A 2 -19.35 7.27 -12.90
CA SER A 2 -19.12 6.36 -14.02
C SER A 2 -19.92 5.07 -13.86
N SER A 3 -21.16 5.21 -13.40
CA SER A 3 -22.02 4.05 -13.18
C SER A 3 -22.04 3.14 -14.41
N GLY A 4 -22.63 1.97 -14.27
CA GLY A 4 -22.70 1.02 -15.37
C GLY A 4 -23.11 -0.36 -14.92
N SER A 5 -22.75 -1.36 -15.71
CA SER A 5 -23.09 -2.75 -15.40
C SER A 5 -21.86 -3.65 -15.51
N SER A 6 -20.97 -3.56 -14.52
CA SER A 6 -19.76 -4.36 -14.52
C SER A 6 -19.27 -4.60 -13.09
N GLY A 7 -19.18 -5.87 -12.70
CA GLY A 7 -18.73 -6.20 -11.37
C GLY A 7 -17.39 -6.92 -11.36
N MET A 8 -17.09 -7.61 -10.27
CA MET A 8 -15.83 -8.33 -10.15
C MET A 8 -14.66 -7.49 -10.64
N GLY A 9 -14.67 -6.21 -10.26
CA GLY A 9 -13.61 -5.31 -10.67
C GLY A 9 -12.66 -4.97 -9.53
N GLU A 10 -11.59 -5.75 -9.41
CA GLU A 10 -10.60 -5.53 -8.35
C GLU A 10 -9.83 -4.24 -8.60
N LYS A 11 -8.98 -3.88 -7.64
CA LYS A 11 -8.17 -2.67 -7.74
C LYS A 11 -6.69 -2.99 -7.51
N CYS A 12 -5.82 -2.18 -8.11
CA CYS A 12 -4.38 -2.37 -7.98
C CYS A 12 -3.85 -1.63 -6.75
N TYR A 13 -4.03 -2.23 -5.58
CA TYR A 13 -3.58 -1.62 -4.34
C TYR A 13 -2.11 -1.20 -4.44
N LYS A 14 -1.88 0.08 -4.75
CA LYS A 14 -0.53 0.59 -4.87
C LYS A 14 -0.14 1.41 -3.64
N CYS A 15 1.15 1.42 -3.34
CA CYS A 15 1.65 2.15 -2.18
C CYS A 15 2.10 3.56 -2.58
N ASP A 16 1.55 4.56 -1.91
CA ASP A 16 1.89 5.95 -2.19
C ASP A 16 3.03 6.43 -1.28
N VAL A 17 4.03 5.58 -1.10
CA VAL A 17 5.17 5.92 -0.26
C VAL A 17 6.48 5.57 -0.94
N CYS A 18 6.59 4.33 -1.41
CA CYS A 18 7.80 3.87 -2.09
C CYS A 18 7.51 3.59 -3.57
N GLY A 19 6.36 2.98 -3.84
CA GLY A 19 6.00 2.67 -5.21
C GLY A 19 5.83 1.19 -5.43
N LYS A 20 4.99 0.54 -4.62
CA LYS A 20 4.74 -0.88 -4.75
C LYS A 20 3.31 -1.16 -5.16
N GLU A 21 3.01 -2.42 -5.44
CA GLU A 21 1.66 -2.81 -5.85
C GLU A 21 1.36 -4.24 -5.41
N PHE A 22 0.18 -4.45 -4.84
CA PHE A 22 -0.23 -5.78 -4.38
C PHE A 22 -1.60 -6.14 -4.93
N SER A 23 -2.02 -7.38 -4.70
CA SER A 23 -3.31 -7.86 -5.18
C SER A 23 -4.38 -7.70 -4.11
N GLN A 24 -4.05 -8.11 -2.89
CA GLN A 24 -4.98 -8.02 -1.77
C GLN A 24 -4.69 -6.78 -0.93
N SER A 25 -5.76 -6.17 -0.40
CA SER A 25 -5.62 -4.97 0.42
C SER A 25 -4.67 -5.23 1.60
N SER A 26 -4.90 -6.34 2.30
CA SER A 26 -4.08 -6.70 3.45
C SER A 26 -2.60 -6.63 3.10
N HIS A 27 -2.20 -7.36 2.06
CA HIS A 27 -0.81 -7.38 1.63
C HIS A 27 -0.20 -5.99 1.71
N LEU A 28 -0.83 -5.03 1.05
CA LEU A 28 -0.34 -3.64 1.05
C LEU A 28 -0.27 -3.10 2.46
N GLN A 29 -1.38 -3.22 3.20
CA GLN A 29 -1.44 -2.73 4.57
C GLN A 29 -0.23 -3.20 5.38
N THR A 30 0.09 -4.49 5.28
CA THR A 30 1.21 -5.06 5.99
C THR A 30 2.52 -4.42 5.54
N HIS A 31 2.67 -4.23 4.24
CA HIS A 31 3.87 -3.62 3.68
C HIS A 31 4.09 -2.22 4.24
N GLN A 32 3.06 -1.38 4.12
CA GLN A 32 3.14 -0.01 4.62
C GLN A 32 3.86 0.04 5.95
N ARG A 33 3.65 -0.97 6.79
CA ARG A 33 4.28 -1.03 8.10
C ARG A 33 5.76 -0.68 8.00
N VAL A 34 6.43 -1.22 6.99
CA VAL A 34 7.85 -0.96 6.79
C VAL A 34 8.15 0.54 6.87
N HIS A 35 7.22 1.34 6.38
CA HIS A 35 7.39 2.80 6.39
C HIS A 35 6.99 3.38 7.75
N THR A 36 6.04 2.72 8.41
CA THR A 36 5.57 3.16 9.71
C THR A 36 5.91 2.15 10.80
N GLY A 37 6.89 2.51 11.64
CA GLY A 37 7.29 1.62 12.71
C GLY A 37 7.25 2.30 14.07
N GLU A 38 8.39 2.84 14.49
CA GLU A 38 8.47 3.53 15.78
C GLU A 38 8.69 5.02 15.59
N LYS A 39 7.96 5.60 14.65
CA LYS A 39 8.06 7.03 14.37
C LYS A 39 9.52 7.46 14.28
N PRO A 40 10.29 6.79 13.41
CA PRO A 40 11.70 7.08 13.21
C PRO A 40 11.93 8.42 12.51
N SER A 41 12.38 9.41 13.28
CA SER A 41 12.64 10.74 12.73
C SER A 41 13.68 10.69 11.62
N GLY A 42 13.56 11.60 10.66
CA GLY A 42 14.49 11.64 9.56
C GLY A 42 14.37 12.91 8.74
N PRO A 43 14.88 12.88 7.50
CA PRO A 43 14.85 14.04 6.60
C PRO A 43 13.43 14.36 6.12
N SER A 44 12.46 13.60 6.62
CA SER A 44 11.06 13.81 6.24
C SER A 44 10.77 15.28 6.04
N SER A 45 11.12 16.09 7.03
CA SER A 45 10.88 17.53 6.97
C SER A 45 12.02 18.30 7.64
N GLY A 46 12.55 19.29 6.94
CA GLY A 46 13.63 20.09 7.49
C GLY A 46 14.97 19.36 7.45
ZN ZN B . 5.74 1.30 0.24
N GLY A 1 -2.63 5.87 -30.74
CA GLY A 1 -1.68 4.76 -30.86
C GLY A 1 -1.05 4.39 -29.54
N SER A 2 0.05 3.65 -29.59
CA SER A 2 0.74 3.21 -28.38
C SER A 2 -0.25 2.93 -27.26
N SER A 3 -1.33 2.24 -27.59
CA SER A 3 -2.37 1.91 -26.62
C SER A 3 -1.86 0.85 -25.63
N GLY A 4 -2.36 0.92 -24.40
CA GLY A 4 -1.95 -0.04 -23.38
C GLY A 4 -3.13 -0.62 -22.63
N SER A 5 -3.80 -1.59 -23.24
CA SER A 5 -4.95 -2.23 -22.62
C SER A 5 -5.77 -1.22 -21.81
N SER A 6 -5.95 -0.03 -22.38
CA SER A 6 -6.71 1.02 -21.71
C SER A 6 -8.07 0.51 -21.24
N GLY A 7 -8.32 0.63 -19.94
CA GLY A 7 -9.58 0.18 -19.38
C GLY A 7 -9.45 -0.24 -17.92
N MET A 8 -10.05 0.54 -17.04
CA MET A 8 -9.99 0.26 -15.61
C MET A 8 -10.76 -1.01 -15.28
N GLY A 9 -10.43 -1.63 -14.15
CA GLY A 9 -11.10 -2.86 -13.74
C GLY A 9 -10.77 -3.26 -12.32
N GLU A 10 -9.76 -4.12 -12.19
CA GLU A 10 -9.34 -4.59 -10.87
C GLU A 10 -8.67 -3.47 -10.08
N LYS A 11 -8.78 -3.54 -8.75
CA LYS A 11 -8.19 -2.53 -7.89
C LYS A 11 -6.80 -2.96 -7.42
N CYS A 12 -5.80 -2.78 -8.28
CA CYS A 12 -4.43 -3.15 -7.95
C CYS A 12 -3.85 -2.20 -6.91
N TYR A 13 -4.11 -2.48 -5.64
CA TYR A 13 -3.63 -1.65 -4.55
C TYR A 13 -2.18 -1.22 -4.81
N LYS A 14 -1.90 0.06 -4.57
CA LYS A 14 -0.57 0.59 -4.77
C LYS A 14 -0.12 1.41 -3.56
N CYS A 15 1.18 1.39 -3.28
CA CYS A 15 1.73 2.13 -2.15
C CYS A 15 2.20 3.52 -2.59
N ASP A 16 1.54 4.55 -2.07
CA ASP A 16 1.90 5.92 -2.41
C ASP A 16 3.04 6.42 -1.53
N VAL A 17 4.01 5.55 -1.27
CA VAL A 17 5.16 5.89 -0.44
C VAL A 17 6.46 5.57 -1.15
N CYS A 18 6.55 4.36 -1.69
CA CYS A 18 7.75 3.93 -2.41
C CYS A 18 7.43 3.60 -3.86
N GLY A 19 6.27 2.99 -4.08
CA GLY A 19 5.87 2.63 -5.43
C GLY A 19 5.68 1.14 -5.60
N LYS A 20 4.96 0.52 -4.67
CA LYS A 20 4.70 -0.92 -4.73
C LYS A 20 3.26 -1.20 -5.12
N GLU A 21 2.99 -2.44 -5.51
CA GLU A 21 1.65 -2.85 -5.91
C GLU A 21 1.33 -4.25 -5.42
N PHE A 22 0.16 -4.41 -4.81
CA PHE A 22 -0.26 -5.71 -4.30
C PHE A 22 -1.61 -6.13 -4.89
N SER A 23 -1.89 -7.42 -4.84
CA SER A 23 -3.15 -7.95 -5.38
C SER A 23 -4.29 -7.71 -4.40
N GLN A 24 -4.03 -7.96 -3.13
CA GLN A 24 -5.05 -7.78 -2.10
C GLN A 24 -4.77 -6.52 -1.27
N SER A 25 -5.70 -6.20 -0.38
CA SER A 25 -5.56 -5.02 0.46
C SER A 25 -4.65 -5.30 1.67
N SER A 26 -4.94 -6.39 2.37
CA SER A 26 -4.16 -6.77 3.53
C SER A 26 -2.66 -6.76 3.21
N HIS A 27 -2.32 -7.24 2.02
CA HIS A 27 -0.93 -7.29 1.59
C HIS A 27 -0.27 -5.92 1.72
N LEU A 28 -0.87 -4.92 1.07
CA LEU A 28 -0.35 -3.56 1.12
C LEU A 28 -0.29 -3.05 2.55
N GLN A 29 -1.42 -3.10 3.23
CA GLN A 29 -1.51 -2.64 4.62
C GLN A 29 -0.31 -3.14 5.43
N THR A 30 0.05 -4.40 5.23
CA THR A 30 1.17 -4.99 5.95
C THR A 30 2.48 -4.32 5.56
N HIS A 31 2.71 -4.17 4.26
CA HIS A 31 3.93 -3.54 3.76
C HIS A 31 4.17 -2.20 4.44
N GLN A 32 3.10 -1.39 4.53
CA GLN A 32 3.19 -0.08 5.15
C GLN A 32 3.97 -0.15 6.46
N ARG A 33 3.96 -1.32 7.09
CA ARG A 33 4.65 -1.52 8.34
C ARG A 33 6.08 -1.00 8.26
N VAL A 34 6.71 -1.20 7.10
CA VAL A 34 8.10 -0.76 6.90
C VAL A 34 8.19 0.76 6.95
N HIS A 35 7.14 1.44 6.50
CA HIS A 35 7.10 2.90 6.50
C HIS A 35 6.71 3.43 7.88
N THR A 36 5.95 2.63 8.62
CA THR A 36 5.50 3.03 9.95
C THR A 36 6.32 2.33 11.02
N GLY A 37 6.13 2.76 12.28
CA GLY A 37 6.86 2.16 13.38
C GLY A 37 7.95 3.07 13.91
N GLU A 38 7.69 4.37 13.91
CA GLU A 38 8.67 5.34 14.39
C GLU A 38 8.37 5.75 15.84
N LYS A 39 8.02 4.75 16.65
CA LYS A 39 7.72 4.99 18.06
C LYS A 39 6.43 5.79 18.21
N PRO A 40 5.35 5.29 17.60
CA PRO A 40 4.04 5.94 17.65
C PRO A 40 3.41 5.88 19.05
N SER A 41 2.33 6.63 19.23
CA SER A 41 1.64 6.67 20.52
C SER A 41 0.89 5.36 20.77
N GLY A 42 1.56 4.41 21.38
CA GLY A 42 0.95 3.12 21.68
C GLY A 42 1.54 1.99 20.85
N PRO A 43 2.69 1.47 21.31
CA PRO A 43 3.38 0.38 20.63
C PRO A 43 2.62 -0.95 20.72
N SER A 44 3.24 -2.01 20.23
CA SER A 44 2.62 -3.33 20.26
C SER A 44 2.74 -3.95 21.65
N SER A 45 2.09 -5.10 21.83
CA SER A 45 2.11 -5.80 23.11
C SER A 45 3.33 -6.72 23.21
N GLY A 46 4.47 -6.14 23.58
CA GLY A 46 5.69 -6.92 23.70
C GLY A 46 6.92 -6.14 23.29
ZN ZN B . 5.81 1.32 0.23
N GLY A 1 -9.99 2.37 -28.64
CA GLY A 1 -9.05 1.28 -28.78
C GLY A 1 -8.26 1.04 -27.51
N SER A 2 -8.19 -0.23 -27.09
CA SER A 2 -7.47 -0.59 -25.87
C SER A 2 -7.09 -2.07 -25.90
N SER A 3 -5.97 -2.39 -25.26
CA SER A 3 -5.49 -3.77 -25.20
C SER A 3 -5.71 -4.37 -23.81
N GLY A 4 -6.87 -4.09 -23.24
CA GLY A 4 -7.19 -4.62 -21.93
C GLY A 4 -6.68 -6.03 -21.73
N SER A 5 -5.89 -6.24 -20.66
CA SER A 5 -5.34 -7.56 -20.37
C SER A 5 -5.67 -7.97 -18.94
N SER A 6 -5.30 -9.20 -18.59
CA SER A 6 -5.56 -9.72 -17.25
C SER A 6 -4.34 -9.54 -16.36
N GLY A 7 -4.50 -8.79 -15.28
CA GLY A 7 -3.41 -8.55 -14.36
C GLY A 7 -3.80 -7.68 -13.19
N MET A 8 -4.47 -6.57 -13.46
CA MET A 8 -4.92 -5.66 -12.42
C MET A 8 -5.84 -6.36 -11.44
N GLY A 9 -6.76 -7.16 -11.97
CA GLY A 9 -7.70 -7.89 -11.13
C GLY A 9 -8.29 -7.01 -10.05
N GLU A 10 -8.14 -7.43 -8.79
CA GLU A 10 -8.67 -6.68 -7.66
C GLU A 10 -8.06 -5.28 -7.61
N LYS A 11 -8.54 -4.47 -6.67
CA LYS A 11 -8.05 -3.10 -6.51
C LYS A 11 -6.54 -3.04 -6.76
N CYS A 12 -6.10 -2.00 -7.45
CA CYS A 12 -4.69 -1.81 -7.75
C CYS A 12 -3.94 -1.24 -6.56
N TYR A 13 -4.16 -1.84 -5.38
CA TYR A 13 -3.52 -1.38 -4.17
C TYR A 13 -2.05 -1.04 -4.41
N LYS A 14 -1.76 0.24 -4.55
CA LYS A 14 -0.40 0.70 -4.80
C LYS A 14 0.10 1.58 -3.65
N CYS A 15 1.28 1.26 -3.14
CA CYS A 15 1.87 2.03 -2.04
C CYS A 15 2.27 3.43 -2.51
N ASP A 16 1.55 4.44 -2.04
CA ASP A 16 1.83 5.82 -2.41
C ASP A 16 2.92 6.41 -1.50
N VAL A 17 3.95 5.62 -1.23
CA VAL A 17 5.05 6.07 -0.39
C VAL A 17 6.40 5.75 -1.03
N CYS A 18 6.58 4.50 -1.42
CA CYS A 18 7.82 4.07 -2.05
C CYS A 18 7.60 3.67 -3.50
N GLY A 19 6.48 3.00 -3.76
CA GLY A 19 6.16 2.58 -5.11
C GLY A 19 6.03 1.07 -5.23
N LYS A 20 4.98 0.52 -4.62
CA LYS A 20 4.74 -0.92 -4.66
C LYS A 20 3.28 -1.21 -5.00
N GLU A 21 3.01 -2.47 -5.33
CA GLU A 21 1.65 -2.89 -5.68
C GLU A 21 1.35 -4.29 -5.15
N PHE A 22 0.09 -4.56 -4.87
CA PHE A 22 -0.32 -5.86 -4.36
C PHE A 22 -1.67 -6.27 -4.95
N SER A 23 -2.04 -7.54 -4.74
CA SER A 23 -3.30 -8.06 -5.26
C SER A 23 -4.41 -7.86 -4.24
N GLN A 24 -4.13 -8.15 -2.97
CA GLN A 24 -5.10 -8.01 -1.91
C GLN A 24 -4.86 -6.73 -1.11
N SER A 25 -5.87 -6.30 -0.36
CA SER A 25 -5.77 -5.09 0.44
C SER A 25 -4.74 -5.26 1.57
N SER A 26 -4.91 -6.33 2.34
CA SER A 26 -4.00 -6.60 3.45
C SER A 26 -2.55 -6.61 2.98
N HIS A 27 -2.29 -7.35 1.90
CA HIS A 27 -0.94 -7.45 1.34
C HIS A 27 -0.27 -6.09 1.31
N LEU A 28 -1.08 -5.04 1.20
CA LEU A 28 -0.57 -3.67 1.16
C LEU A 28 -0.40 -3.10 2.56
N GLN A 29 -1.49 -3.10 3.33
CA GLN A 29 -1.46 -2.59 4.69
C GLN A 29 -0.23 -3.11 5.44
N THR A 30 0.05 -4.40 5.28
CA THR A 30 1.18 -5.01 5.94
C THR A 30 2.50 -4.37 5.50
N HIS A 31 2.73 -4.33 4.19
CA HIS A 31 3.94 -3.73 3.64
C HIS A 31 4.15 -2.33 4.20
N GLN A 32 3.08 -1.54 4.24
CA GLN A 32 3.16 -0.18 4.74
C GLN A 32 3.92 -0.13 6.07
N ARG A 33 4.01 -1.27 6.74
CA ARG A 33 4.71 -1.36 8.01
C ARG A 33 6.14 -0.82 7.88
N VAL A 34 6.74 -1.02 6.71
CA VAL A 34 8.10 -0.56 6.47
C VAL A 34 8.16 0.96 6.39
N HIS A 35 7.00 1.60 6.55
CA HIS A 35 6.92 3.06 6.49
C HIS A 35 6.27 3.61 7.76
N THR A 36 6.39 2.87 8.85
CA THR A 36 5.82 3.28 10.12
C THR A 36 6.75 4.22 10.88
N GLY A 37 8.05 3.97 10.75
CA GLY A 37 9.03 4.80 11.42
C GLY A 37 9.08 4.56 12.91
N GLU A 38 8.32 5.37 13.66
CA GLU A 38 8.27 5.24 15.12
C GLU A 38 9.62 5.64 15.74
N LYS A 39 10.16 6.75 15.28
CA LYS A 39 11.44 7.25 15.79
C LYS A 39 12.58 6.32 15.38
N PRO A 40 12.69 6.07 14.06
CA PRO A 40 13.75 5.21 13.52
C PRO A 40 15.13 5.84 13.62
N SER A 41 15.19 7.02 14.21
CA SER A 41 16.45 7.74 14.37
C SER A 41 17.54 6.81 14.92
N GLY A 42 18.53 6.50 14.09
CA GLY A 42 19.61 5.63 14.51
C GLY A 42 19.70 4.37 13.67
N PRO A 43 20.93 3.90 13.46
CA PRO A 43 21.19 2.68 12.66
C PRO A 43 20.71 1.42 13.36
N SER A 44 19.49 0.98 13.02
CA SER A 44 18.92 -0.22 13.62
C SER A 44 17.98 -0.91 12.64
N SER A 45 17.83 -2.22 12.81
CA SER A 45 16.96 -3.02 11.94
C SER A 45 15.72 -3.47 12.69
N GLY A 46 15.93 -4.19 13.79
CA GLY A 46 14.81 -4.68 14.58
C GLY A 46 14.72 -4.02 15.94
ZN ZN B . 5.97 1.09 0.36
N GLY A 1 -21.96 15.56 -13.31
CA GLY A 1 -20.94 15.37 -14.33
C GLY A 1 -20.70 13.90 -14.64
N SER A 2 -21.55 13.32 -15.49
CA SER A 2 -21.42 11.92 -15.85
C SER A 2 -20.16 11.69 -16.69
N SER A 3 -19.35 10.74 -16.25
CA SER A 3 -18.10 10.41 -16.95
C SER A 3 -18.18 9.03 -17.57
N GLY A 4 -18.54 8.04 -16.76
CA GLY A 4 -18.64 6.67 -17.25
C GLY A 4 -19.32 5.74 -16.26
N SER A 5 -19.32 4.45 -16.57
CA SER A 5 -19.95 3.47 -15.70
C SER A 5 -18.91 2.49 -15.14
N SER A 6 -17.75 3.04 -14.75
CA SER A 6 -16.68 2.22 -14.21
C SER A 6 -17.21 1.22 -13.18
N GLY A 7 -16.48 0.13 -12.99
CA GLY A 7 -16.90 -0.88 -12.04
C GLY A 7 -16.74 -2.29 -12.57
N MET A 8 -15.50 -2.74 -12.67
CA MET A 8 -15.22 -4.08 -13.18
C MET A 8 -13.74 -4.40 -13.08
N GLY A 9 -13.41 -5.62 -12.64
CA GLY A 9 -12.03 -6.02 -12.50
C GLY A 9 -11.62 -6.20 -11.06
N GLU A 10 -10.44 -5.68 -10.72
CA GLU A 10 -9.92 -5.79 -9.36
C GLU A 10 -9.18 -4.52 -8.95
N LYS A 11 -9.01 -4.33 -7.65
CA LYS A 11 -8.31 -3.16 -7.13
C LYS A 11 -6.82 -3.22 -7.45
N CYS A 12 -6.18 -2.07 -7.43
CA CYS A 12 -4.75 -1.99 -7.73
C CYS A 12 -3.98 -1.38 -6.55
N TYR A 13 -4.32 -1.82 -5.35
CA TYR A 13 -3.68 -1.31 -4.14
C TYR A 13 -2.20 -1.02 -4.40
N LYS A 14 -1.87 0.27 -4.52
CA LYS A 14 -0.51 0.70 -4.76
C LYS A 14 -0.03 1.65 -3.69
N CYS A 15 1.20 1.46 -3.22
CA CYS A 15 1.78 2.32 -2.19
C CYS A 15 2.39 3.58 -2.80
N ASP A 16 2.04 4.73 -2.24
CA ASP A 16 2.56 6.00 -2.73
C ASP A 16 3.86 6.36 -2.03
N VAL A 17 4.04 5.85 -0.81
CA VAL A 17 5.24 6.11 -0.04
C VAL A 17 6.50 5.78 -0.83
N CYS A 18 6.64 4.51 -1.20
CA CYS A 18 7.79 4.06 -1.97
C CYS A 18 7.41 3.78 -3.41
N GLY A 19 6.32 3.05 -3.60
CA GLY A 19 5.86 2.73 -4.94
C GLY A 19 5.76 1.23 -5.18
N LYS A 20 4.85 0.58 -4.47
CA LYS A 20 4.67 -0.87 -4.61
C LYS A 20 3.23 -1.19 -5.01
N GLU A 21 3.00 -2.44 -5.41
CA GLU A 21 1.67 -2.87 -5.81
C GLU A 21 1.39 -4.30 -5.33
N PHE A 22 0.19 -4.51 -4.81
CA PHE A 22 -0.20 -5.83 -4.30
C PHE A 22 -1.53 -6.26 -4.91
N SER A 23 -1.89 -7.52 -4.69
CA SER A 23 -3.14 -8.06 -5.22
C SER A 23 -4.27 -7.93 -4.19
N GLN A 24 -3.95 -8.26 -2.94
CA GLN A 24 -4.94 -8.16 -1.87
C GLN A 24 -4.76 -6.89 -1.06
N SER A 25 -5.83 -6.46 -0.40
CA SER A 25 -5.81 -5.24 0.39
C SER A 25 -4.87 -5.40 1.60
N SER A 26 -5.03 -6.52 2.30
CA SER A 26 -4.20 -6.79 3.48
C SER A 26 -2.73 -6.71 3.13
N HIS A 27 -2.34 -7.35 2.03
CA HIS A 27 -0.95 -7.35 1.58
C HIS A 27 -0.34 -5.96 1.71
N LEU A 28 -1.02 -4.97 1.17
CA LEU A 28 -0.54 -3.59 1.22
C LEU A 28 -0.42 -3.11 2.66
N GLN A 29 -1.52 -3.18 3.41
CA GLN A 29 -1.54 -2.76 4.80
C GLN A 29 -0.29 -3.24 5.53
N THR A 30 0.07 -4.50 5.30
CA THR A 30 1.23 -5.10 5.93
C THR A 30 2.52 -4.43 5.47
N HIS A 31 2.67 -4.32 4.15
CA HIS A 31 3.86 -3.69 3.57
C HIS A 31 4.07 -2.31 4.14
N GLN A 32 3.00 -1.51 4.18
CA GLN A 32 3.08 -0.16 4.70
C GLN A 32 3.86 -0.12 6.02
N ARG A 33 3.95 -1.27 6.68
CA ARG A 33 4.67 -1.37 7.95
C ARG A 33 6.09 -0.84 7.81
N VAL A 34 6.70 -1.09 6.65
CA VAL A 34 8.06 -0.65 6.39
C VAL A 34 8.15 0.88 6.44
N HIS A 35 7.01 1.54 6.42
CA HIS A 35 6.95 3.00 6.45
C HIS A 35 6.31 3.48 7.75
N THR A 36 5.39 2.69 8.28
CA THR A 36 4.70 3.04 9.52
C THR A 36 5.70 3.32 10.64
N GLY A 37 5.67 4.55 11.15
CA GLY A 37 6.57 4.92 12.23
C GLY A 37 6.90 6.40 12.21
N GLU A 38 7.35 6.88 11.06
CA GLU A 38 7.72 8.29 10.91
C GLU A 38 6.48 9.16 10.70
N LYS A 39 5.51 9.00 11.60
CA LYS A 39 4.27 9.77 11.53
C LYS A 39 3.88 10.32 12.90
N PRO A 40 4.80 11.08 13.51
CA PRO A 40 4.57 11.68 14.83
C PRO A 40 3.53 12.79 14.80
N SER A 41 2.95 13.00 13.61
CA SER A 41 1.93 14.04 13.46
C SER A 41 0.53 13.47 13.63
N GLY A 42 -0.34 14.23 14.29
CA GLY A 42 -1.69 13.78 14.51
C GLY A 42 -2.73 14.81 14.10
N PRO A 43 -3.88 14.34 13.60
CA PRO A 43 -4.97 15.20 13.16
C PRO A 43 -5.65 15.93 14.32
N SER A 44 -6.66 16.73 14.00
CA SER A 44 -7.39 17.48 15.02
C SER A 44 -8.87 17.13 14.99
N SER A 45 -9.26 16.12 15.75
CA SER A 45 -10.64 15.68 15.81
C SER A 45 -11.43 16.50 16.83
N GLY A 46 -12.73 16.23 16.94
CA GLY A 46 -13.56 16.94 17.89
C GLY A 46 -14.35 18.04 17.23
ZN ZN B . 5.65 1.39 0.34
N GLY A 1 -15.91 14.60 -11.14
CA GLY A 1 -16.20 13.58 -10.15
C GLY A 1 -15.13 12.52 -10.07
N SER A 2 -15.55 11.27 -9.87
CA SER A 2 -14.61 10.16 -9.77
C SER A 2 -15.36 8.83 -9.71
N SER A 3 -14.72 7.78 -10.23
CA SER A 3 -15.31 6.45 -10.24
C SER A 3 -14.40 5.43 -9.55
N GLY A 4 -15.01 4.54 -8.77
CA GLY A 4 -14.24 3.54 -8.06
C GLY A 4 -15.08 2.33 -7.70
N SER A 5 -16.15 2.55 -6.96
CA SER A 5 -17.04 1.48 -6.53
C SER A 5 -17.13 0.40 -7.60
N SER A 6 -17.61 0.78 -8.78
CA SER A 6 -17.76 -0.15 -9.89
C SER A 6 -16.48 -0.96 -10.09
N GLY A 7 -16.54 -2.25 -9.78
CA GLY A 7 -15.39 -3.11 -9.93
C GLY A 7 -15.66 -4.53 -9.45
N MET A 8 -16.24 -4.65 -8.27
CA MET A 8 -16.55 -5.96 -7.70
C MET A 8 -15.47 -6.97 -8.06
N GLY A 9 -14.21 -6.54 -7.99
CA GLY A 9 -13.11 -7.42 -8.32
C GLY A 9 -11.82 -7.03 -7.61
N GLU A 10 -10.69 -7.39 -8.20
CA GLU A 10 -9.39 -7.07 -7.62
C GLU A 10 -9.05 -5.60 -7.84
N LYS A 11 -8.74 -4.90 -6.76
CA LYS A 11 -8.40 -3.48 -6.83
C LYS A 11 -6.88 -3.30 -6.88
N CYS A 12 -6.42 -2.39 -7.73
CA CYS A 12 -4.99 -2.12 -7.86
C CYS A 12 -4.47 -1.34 -6.67
N TYR A 13 -4.21 -2.05 -5.58
CA TYR A 13 -3.70 -1.43 -4.36
C TYR A 13 -2.23 -1.08 -4.49
N LYS A 14 -1.95 0.19 -4.81
CA LYS A 14 -0.58 0.65 -4.97
C LYS A 14 -0.14 1.46 -3.76
N CYS A 15 1.17 1.56 -3.55
CA CYS A 15 1.73 2.31 -2.42
C CYS A 15 2.20 3.68 -2.88
N ASP A 16 1.68 4.73 -2.24
CA ASP A 16 2.05 6.09 -2.59
C ASP A 16 3.17 6.59 -1.67
N VAL A 17 4.16 5.73 -1.45
CA VAL A 17 5.30 6.08 -0.60
C VAL A 17 6.62 5.69 -1.26
N CYS A 18 6.69 4.45 -1.73
CA CYS A 18 7.89 3.95 -2.39
C CYS A 18 7.61 3.57 -3.83
N GLY A 19 6.46 2.95 -4.06
CA GLY A 19 6.09 2.54 -5.40
C GLY A 19 5.81 1.05 -5.50
N LYS A 20 5.28 0.48 -4.43
CA LYS A 20 4.96 -0.94 -4.40
C LYS A 20 3.52 -1.19 -4.83
N GLU A 21 3.21 -2.44 -5.14
CA GLU A 21 1.86 -2.81 -5.57
C GLU A 21 1.50 -4.20 -5.08
N PHE A 22 0.22 -4.41 -4.79
CA PHE A 22 -0.26 -5.69 -4.31
C PHE A 22 -1.60 -6.05 -4.95
N SER A 23 -2.07 -7.26 -4.70
CA SER A 23 -3.34 -7.73 -5.25
C SER A 23 -4.47 -7.53 -4.26
N GLN A 24 -4.21 -7.87 -2.99
CA GLN A 24 -5.21 -7.74 -1.94
C GLN A 24 -4.92 -6.52 -1.07
N SER A 25 -5.84 -6.21 -0.15
CA SER A 25 -5.69 -5.06 0.73
C SER A 25 -4.71 -5.38 1.86
N SER A 26 -4.92 -6.53 2.50
CA SER A 26 -4.07 -6.95 3.61
C SER A 26 -2.61 -6.97 3.20
N HIS A 27 -2.35 -7.35 1.95
CA HIS A 27 -1.00 -7.41 1.42
C HIS A 27 -0.32 -6.05 1.52
N LEU A 28 -1.02 -5.01 1.08
CA LEU A 28 -0.48 -3.65 1.13
C LEU A 28 -0.34 -3.17 2.57
N GLN A 29 -1.40 -3.33 3.35
CA GLN A 29 -1.39 -2.91 4.75
C GLN A 29 -0.13 -3.41 5.46
N THR A 30 0.22 -4.68 5.21
CA THR A 30 1.39 -5.28 5.83
C THR A 30 2.66 -4.53 5.45
N HIS A 31 2.89 -4.40 4.15
CA HIS A 31 4.07 -3.71 3.65
C HIS A 31 4.22 -2.34 4.31
N GLN A 32 3.11 -1.62 4.45
CA GLN A 32 3.12 -0.31 5.06
C GLN A 32 3.88 -0.33 6.39
N ARG A 33 3.95 -1.51 7.00
CA ARG A 33 4.64 -1.67 8.27
C ARG A 33 6.06 -1.13 8.18
N VAL A 34 6.54 -0.93 6.96
CA VAL A 34 7.89 -0.42 6.74
C VAL A 34 7.90 1.11 6.74
N HIS A 35 6.79 1.71 6.34
CA HIS A 35 6.67 3.16 6.29
C HIS A 35 6.10 3.70 7.60
N THR A 36 5.26 2.90 8.25
CA THR A 36 4.65 3.30 9.51
C THR A 36 5.70 3.70 10.53
N GLY A 37 6.79 2.92 10.59
CA GLY A 37 7.84 3.22 11.53
C GLY A 37 7.48 2.86 12.95
N GLU A 38 7.44 1.56 13.25
CA GLU A 38 7.09 1.10 14.59
C GLU A 38 6.05 2.02 15.23
N LYS A 39 4.98 2.30 14.50
CA LYS A 39 3.92 3.16 15.00
C LYS A 39 2.55 2.54 14.74
N PRO A 40 2.40 1.26 15.10
CA PRO A 40 1.15 0.52 14.92
C PRO A 40 0.05 1.01 15.86
N SER A 41 -0.58 2.13 15.49
CA SER A 41 -1.64 2.70 16.30
C SER A 41 -1.38 2.49 17.78
N GLY A 42 -0.17 2.83 18.21
CA GLY A 42 0.19 2.68 19.61
C GLY A 42 -0.10 3.92 20.43
N PRO A 43 -0.45 3.71 21.71
CA PRO A 43 -0.77 4.81 22.63
C PRO A 43 0.46 5.64 22.99
N SER A 44 0.22 6.86 23.45
CA SER A 44 1.30 7.75 23.84
C SER A 44 1.65 7.61 25.31
N SER A 45 1.70 6.37 25.79
CA SER A 45 2.01 6.09 27.18
C SER A 45 3.44 5.58 27.33
N GLY A 46 4.36 6.21 26.61
CA GLY A 46 5.76 5.81 26.68
C GLY A 46 5.99 4.42 26.11
ZN ZN B . 5.74 1.40 0.02
N GLY A 1 -25.97 -14.28 -18.27
CA GLY A 1 -25.50 -15.04 -17.12
C GLY A 1 -24.64 -14.22 -16.18
N SER A 2 -25.29 -13.37 -15.38
CA SER A 2 -24.57 -12.52 -14.44
C SER A 2 -24.79 -12.99 -13.00
N SER A 3 -23.75 -13.53 -12.39
CA SER A 3 -23.83 -14.02 -11.03
C SER A 3 -22.68 -13.47 -10.19
N GLY A 4 -22.97 -12.44 -9.40
CA GLY A 4 -21.96 -11.85 -8.56
C GLY A 4 -22.52 -10.76 -7.65
N SER A 5 -22.08 -10.74 -6.41
CA SER A 5 -22.54 -9.76 -5.44
C SER A 5 -22.07 -8.36 -5.81
N SER A 6 -20.76 -8.21 -5.96
CA SER A 6 -20.16 -6.92 -6.32
C SER A 6 -19.55 -6.97 -7.70
N GLY A 7 -18.78 -8.02 -7.96
CA GLY A 7 -18.14 -8.17 -9.26
C GLY A 7 -16.77 -8.81 -9.16
N MET A 8 -15.77 -8.16 -9.75
CA MET A 8 -14.40 -8.68 -9.72
C MET A 8 -13.53 -7.86 -8.79
N GLY A 9 -13.69 -6.54 -8.84
CA GLY A 9 -12.91 -5.66 -7.99
C GLY A 9 -11.57 -5.28 -8.61
N GLU A 10 -10.67 -6.25 -8.68
CA GLU A 10 -9.35 -6.01 -9.26
C GLU A 10 -8.58 -4.95 -8.46
N LYS A 11 -8.68 -5.04 -7.14
CA LYS A 11 -8.01 -4.09 -6.26
C LYS A 11 -6.50 -4.12 -6.49
N CYS A 12 -6.02 -3.23 -7.36
CA CYS A 12 -4.60 -3.16 -7.68
C CYS A 12 -3.89 -2.20 -6.72
N TYR A 13 -4.22 -2.30 -5.43
CA TYR A 13 -3.62 -1.46 -4.41
C TYR A 13 -2.16 -1.15 -4.75
N LYS A 14 -1.79 0.12 -4.66
CA LYS A 14 -0.43 0.54 -4.95
C LYS A 14 0.03 1.61 -3.97
N CYS A 15 1.13 1.34 -3.28
CA CYS A 15 1.68 2.28 -2.30
C CYS A 15 2.25 3.51 -3.00
N ASP A 16 2.20 4.65 -2.32
CA ASP A 16 2.72 5.90 -2.87
C ASP A 16 4.08 6.22 -2.29
N VAL A 17 4.26 5.94 -1.00
CA VAL A 17 5.52 6.21 -0.32
C VAL A 17 6.70 5.74 -1.17
N CYS A 18 6.70 4.46 -1.53
CA CYS A 18 7.77 3.90 -2.33
C CYS A 18 7.30 3.63 -3.76
N GLY A 19 6.11 3.07 -3.89
CA GLY A 19 5.56 2.78 -5.20
C GLY A 19 5.37 1.29 -5.44
N LYS A 20 4.94 0.57 -4.39
CA LYS A 20 4.72 -0.86 -4.49
C LYS A 20 3.34 -1.16 -5.09
N GLU A 21 3.12 -2.43 -5.41
CA GLU A 21 1.83 -2.85 -5.99
C GLU A 21 1.44 -4.23 -5.47
N PHE A 22 0.25 -4.32 -4.90
CA PHE A 22 -0.26 -5.58 -4.37
C PHE A 22 -1.59 -5.95 -5.02
N SER A 23 -2.07 -7.15 -4.71
CA SER A 23 -3.34 -7.63 -5.26
C SER A 23 -4.46 -7.50 -4.25
N GLN A 24 -4.17 -7.88 -3.01
CA GLN A 24 -5.16 -7.81 -1.93
C GLN A 24 -4.85 -6.65 -0.99
N SER A 25 -5.82 -6.29 -0.15
CA SER A 25 -5.65 -5.20 0.80
C SER A 25 -4.57 -5.53 1.81
N SER A 26 -4.80 -6.58 2.61
CA SER A 26 -3.83 -6.99 3.62
C SER A 26 -2.40 -6.86 3.11
N HIS A 27 -2.14 -7.46 1.96
CA HIS A 27 -0.81 -7.40 1.35
C HIS A 27 -0.22 -5.99 1.48
N LEU A 28 -1.02 -4.99 1.13
CA LEU A 28 -0.58 -3.60 1.20
C LEU A 28 -0.44 -3.14 2.65
N GLN A 29 -1.53 -3.26 3.40
CA GLN A 29 -1.53 -2.86 4.80
C GLN A 29 -0.27 -3.34 5.51
N THR A 30 0.09 -4.60 5.29
CA THR A 30 1.27 -5.19 5.91
C THR A 30 2.53 -4.43 5.50
N HIS A 31 2.70 -4.25 4.19
CA HIS A 31 3.86 -3.54 3.66
C HIS A 31 4.07 -2.21 4.39
N GLN A 32 2.98 -1.49 4.61
CA GLN A 32 3.04 -0.20 5.29
C GLN A 32 3.87 -0.31 6.57
N ARG A 33 3.96 -1.52 7.11
CA ARG A 33 4.71 -1.75 8.34
C ARG A 33 6.14 -1.24 8.20
N VAL A 34 6.56 -0.99 6.96
CA VAL A 34 7.90 -0.49 6.69
C VAL A 34 7.93 1.04 6.70
N HIS A 35 6.79 1.66 6.44
CA HIS A 35 6.68 3.10 6.42
C HIS A 35 6.20 3.64 7.77
N THR A 36 5.40 2.83 8.46
CA THR A 36 4.86 3.22 9.76
C THR A 36 5.95 3.79 10.65
N GLY A 37 5.54 4.50 11.70
CA GLY A 37 6.50 5.09 12.62
C GLY A 37 7.73 4.23 12.80
N GLU A 38 8.90 4.79 12.48
CA GLU A 38 10.15 4.05 12.62
C GLU A 38 11.17 4.87 13.41
N LYS A 39 12.39 4.34 13.52
CA LYS A 39 13.45 5.00 14.26
C LYS A 39 13.08 5.20 15.72
N PRO A 40 12.72 4.10 16.39
CA PRO A 40 12.33 4.12 17.80
C PRO A 40 13.51 4.42 18.72
N SER A 41 13.80 5.71 18.91
CA SER A 41 14.90 6.12 19.76
C SER A 41 14.41 6.40 21.18
N GLY A 42 15.27 6.10 22.16
CA GLY A 42 14.91 6.32 23.55
C GLY A 42 14.44 5.05 24.24
N PRO A 43 13.67 5.20 25.33
CA PRO A 43 13.16 4.07 26.09
C PRO A 43 12.09 3.29 25.33
N SER A 44 11.79 2.09 25.80
CA SER A 44 10.79 1.24 25.17
C SER A 44 9.55 2.05 24.81
N SER A 45 8.90 2.61 25.83
CA SER A 45 7.69 3.40 25.63
C SER A 45 7.95 4.56 24.68
N GLY A 46 7.16 4.64 23.61
CA GLY A 46 7.32 5.70 22.64
C GLY A 46 6.00 6.16 22.05
ZN ZN B . 5.55 1.67 0.22
N GLY A 1 3.01 2.39 -26.53
CA GLY A 1 2.18 1.36 -25.92
C GLY A 1 0.72 1.55 -26.22
N SER A 2 0.31 1.20 -27.44
CA SER A 2 -1.08 1.34 -27.85
C SER A 2 -1.95 0.25 -27.21
N SER A 3 -1.30 -0.80 -26.72
CA SER A 3 -2.01 -1.91 -26.08
C SER A 3 -1.27 -2.38 -24.83
N GLY A 4 -1.99 -2.44 -23.71
CA GLY A 4 -1.39 -2.87 -22.47
C GLY A 4 -1.90 -2.09 -21.27
N SER A 5 -3.09 -2.43 -20.81
CA SER A 5 -3.69 -1.75 -19.67
C SER A 5 -2.73 -1.70 -18.49
N SER A 6 -2.93 -0.74 -17.60
CA SER A 6 -2.08 -0.59 -16.42
C SER A 6 -2.75 -1.19 -15.18
N GLY A 7 -2.45 -2.45 -14.91
CA GLY A 7 -3.02 -3.12 -13.75
C GLY A 7 -4.36 -3.76 -14.06
N MET A 8 -4.31 -4.99 -14.57
CA MET A 8 -5.53 -5.72 -14.91
C MET A 8 -6.23 -6.22 -13.65
N GLY A 9 -7.54 -6.02 -13.59
CA GLY A 9 -8.30 -6.46 -12.43
C GLY A 9 -9.40 -5.48 -12.05
N GLU A 10 -10.05 -5.74 -10.92
CA GLU A 10 -11.12 -4.87 -10.44
C GLU A 10 -10.56 -3.68 -9.67
N LYS A 11 -9.34 -3.84 -9.16
CA LYS A 11 -8.69 -2.78 -8.40
C LYS A 11 -7.18 -3.03 -8.32
N CYS A 12 -6.46 -2.04 -7.81
CA CYS A 12 -5.01 -2.15 -7.66
C CYS A 12 -4.50 -1.32 -6.49
N TYR A 13 -3.93 -1.99 -5.50
CA TYR A 13 -3.42 -1.30 -4.32
C TYR A 13 -1.96 -0.89 -4.51
N LYS A 14 -1.74 0.40 -4.73
CA LYS A 14 -0.40 0.92 -4.93
C LYS A 14 0.08 1.70 -3.71
N CYS A 15 1.35 1.55 -3.37
CA CYS A 15 1.93 2.23 -2.23
C CYS A 15 2.64 3.51 -2.65
N ASP A 16 1.86 4.56 -2.90
CA ASP A 16 2.41 5.84 -3.32
C ASP A 16 3.71 6.15 -2.57
N VAL A 17 3.77 5.72 -1.31
CA VAL A 17 4.95 5.95 -0.49
C VAL A 17 6.22 5.59 -1.24
N CYS A 18 6.34 4.33 -1.63
CA CYS A 18 7.51 3.85 -2.36
C CYS A 18 7.17 3.60 -3.83
N GLY A 19 6.06 2.91 -4.06
CA GLY A 19 5.65 2.63 -5.42
C GLY A 19 5.37 1.15 -5.63
N LYS A 20 4.99 0.45 -4.57
CA LYS A 20 4.69 -0.97 -4.65
C LYS A 20 3.26 -1.20 -5.13
N GLU A 21 2.97 -2.43 -5.56
CA GLU A 21 1.64 -2.78 -6.04
C GLU A 21 1.25 -4.18 -5.57
N PHE A 22 0.09 -4.27 -4.92
CA PHE A 22 -0.40 -5.55 -4.42
C PHE A 22 -1.85 -5.77 -4.86
N SER A 23 -2.25 -7.05 -4.92
CA SER A 23 -3.60 -7.40 -5.33
C SER A 23 -4.54 -7.40 -4.13
N GLN A 24 -4.05 -7.90 -3.00
CA GLN A 24 -4.85 -7.95 -1.78
C GLN A 24 -4.57 -6.75 -0.89
N SER A 25 -5.62 -6.21 -0.28
CA SER A 25 -5.49 -5.05 0.60
C SER A 25 -4.54 -5.36 1.76
N SER A 26 -4.71 -6.54 2.34
CA SER A 26 -3.88 -6.95 3.47
C SER A 26 -2.40 -6.86 3.12
N HIS A 27 -2.06 -7.30 1.90
CA HIS A 27 -0.67 -7.27 1.45
C HIS A 27 -0.07 -5.88 1.64
N LEU A 28 -0.79 -4.86 1.19
CA LEU A 28 -0.31 -3.49 1.31
C LEU A 28 -0.28 -3.04 2.77
N GLN A 29 -1.29 -3.49 3.53
CA GLN A 29 -1.38 -3.14 4.95
C GLN A 29 -0.17 -3.67 5.72
N THR A 30 0.17 -4.93 5.47
CA THR A 30 1.31 -5.56 6.14
C THR A 30 2.61 -4.88 5.75
N HIS A 31 2.73 -4.51 4.49
CA HIS A 31 3.94 -3.84 3.99
C HIS A 31 4.07 -2.45 4.58
N GLN A 32 3.01 -1.65 4.45
CA GLN A 32 3.01 -0.29 4.97
C GLN A 32 3.75 -0.22 6.29
N ARG A 33 3.76 -1.32 7.04
CA ARG A 33 4.42 -1.38 8.32
C ARG A 33 5.80 -0.74 8.25
N VAL A 34 6.55 -1.07 7.20
CA VAL A 34 7.89 -0.53 7.00
C VAL A 34 7.87 1.00 7.00
N HIS A 35 6.79 1.57 6.50
CA HIS A 35 6.65 3.01 6.43
C HIS A 35 6.05 3.56 7.73
N THR A 36 6.30 2.85 8.83
CA THR A 36 5.79 3.27 10.13
C THR A 36 6.44 2.47 11.26
N GLY A 37 6.60 3.11 12.41
CA GLY A 37 7.21 2.44 13.55
C GLY A 37 6.23 2.22 14.68
N GLU A 38 6.37 2.99 15.76
CA GLU A 38 5.49 2.86 16.90
C GLU A 38 5.15 4.24 17.48
N LYS A 39 3.85 4.47 17.70
CA LYS A 39 3.39 5.73 18.24
C LYS A 39 3.76 6.89 17.32
N PRO A 40 3.37 6.78 16.05
CA PRO A 40 3.65 7.81 15.04
C PRO A 40 2.85 9.08 15.27
N SER A 41 3.55 10.22 15.28
CA SER A 41 2.90 11.51 15.50
C SER A 41 3.44 12.56 14.53
N GLY A 42 2.84 13.74 14.56
CA GLY A 42 3.27 14.81 13.68
C GLY A 42 2.69 16.16 14.07
N PRO A 43 1.56 16.53 13.44
CA PRO A 43 0.88 17.80 13.71
C PRO A 43 0.23 17.83 15.09
N SER A 44 1.02 18.18 16.10
CA SER A 44 0.53 18.24 17.47
C SER A 44 0.21 19.68 17.87
N SER A 45 -0.40 20.43 16.94
CA SER A 45 -0.76 21.82 17.19
C SER A 45 0.39 22.56 17.86
N GLY A 46 1.61 22.31 17.39
CA GLY A 46 2.77 22.97 17.95
C GLY A 46 3.56 23.75 16.91
ZN ZN B . 5.67 1.14 0.33
N GLY A 1 -23.54 -11.60 -21.26
CA GLY A 1 -22.41 -11.59 -22.16
C GLY A 1 -21.11 -11.93 -21.45
N SER A 2 -20.20 -10.96 -21.40
CA SER A 2 -18.92 -11.17 -20.75
C SER A 2 -18.68 -10.12 -19.65
N SER A 3 -18.89 -10.54 -18.40
CA SER A 3 -18.70 -9.64 -17.27
C SER A 3 -17.29 -9.77 -16.70
N GLY A 4 -16.97 -8.89 -15.75
CA GLY A 4 -15.65 -8.92 -15.14
C GLY A 4 -14.55 -9.17 -16.15
N SER A 5 -14.44 -8.29 -17.14
CA SER A 5 -13.43 -8.43 -18.19
C SER A 5 -12.64 -7.14 -18.34
N SER A 6 -12.27 -6.54 -17.21
CA SER A 6 -11.51 -5.30 -17.22
C SER A 6 -10.01 -5.57 -17.40
N GLY A 7 -9.47 -6.41 -16.54
CA GLY A 7 -8.06 -6.75 -16.61
C GLY A 7 -7.70 -7.93 -15.73
N MET A 8 -6.44 -7.97 -15.29
CA MET A 8 -5.96 -9.04 -14.44
C MET A 8 -6.71 -9.05 -13.10
N GLY A 9 -6.73 -7.90 -12.43
CA GLY A 9 -7.42 -7.81 -11.16
C GLY A 9 -8.15 -6.49 -11.00
N GLU A 10 -9.30 -6.52 -10.33
CA GLU A 10 -10.10 -5.32 -10.11
C GLU A 10 -9.42 -4.40 -9.11
N LYS A 11 -8.61 -4.98 -8.24
CA LYS A 11 -7.90 -4.21 -7.22
C LYS A 11 -6.43 -4.04 -7.59
N CYS A 12 -5.93 -2.82 -7.50
CA CYS A 12 -4.55 -2.52 -7.83
C CYS A 12 -3.87 -1.76 -6.70
N TYR A 13 -4.15 -2.18 -5.46
CA TYR A 13 -3.57 -1.53 -4.29
C TYR A 13 -2.12 -1.13 -4.54
N LYS A 14 -1.87 0.18 -4.52
CA LYS A 14 -0.51 0.70 -4.74
C LYS A 14 -0.04 1.52 -3.55
N CYS A 15 1.24 1.39 -3.23
CA CYS A 15 1.83 2.13 -2.10
C CYS A 15 2.30 3.51 -2.54
N ASP A 16 1.70 4.55 -1.98
CA ASP A 16 2.05 5.92 -2.31
C ASP A 16 3.18 6.42 -1.41
N VAL A 17 4.13 5.54 -1.11
CA VAL A 17 5.26 5.89 -0.26
C VAL A 17 6.58 5.55 -0.95
N CYS A 18 6.67 4.34 -1.48
CA CYS A 18 7.89 3.89 -2.16
C CYS A 18 7.60 3.54 -3.61
N GLY A 19 6.44 2.94 -3.86
CA GLY A 19 6.07 2.56 -5.21
C GLY A 19 5.90 1.07 -5.37
N LYS A 20 4.96 0.49 -4.64
CA LYS A 20 4.70 -0.94 -4.71
C LYS A 20 3.24 -1.22 -5.09
N GLU A 21 2.97 -2.46 -5.48
CA GLU A 21 1.62 -2.86 -5.87
C GLU A 21 1.30 -4.26 -5.39
N PHE A 22 0.15 -4.42 -4.76
CA PHE A 22 -0.28 -5.73 -4.26
C PHE A 22 -1.63 -6.13 -4.85
N SER A 23 -1.96 -7.41 -4.74
CA SER A 23 -3.21 -7.93 -5.26
C SER A 23 -4.33 -7.77 -4.24
N GLN A 24 -4.02 -8.07 -2.97
CA GLN A 24 -4.99 -7.97 -1.90
C GLN A 24 -4.75 -6.72 -1.07
N SER A 25 -5.79 -6.26 -0.37
CA SER A 25 -5.68 -5.07 0.46
C SER A 25 -4.69 -5.29 1.60
N SER A 26 -4.88 -6.37 2.35
CA SER A 26 -3.99 -6.70 3.46
C SER A 26 -2.54 -6.72 3.02
N HIS A 27 -2.28 -7.30 1.85
CA HIS A 27 -0.93 -7.38 1.31
C HIS A 27 -0.25 -6.02 1.37
N LEU A 28 -1.03 -4.96 1.22
CA LEU A 28 -0.49 -3.60 1.24
C LEU A 28 -0.34 -3.10 2.67
N GLN A 29 -1.46 -3.07 3.40
CA GLN A 29 -1.46 -2.62 4.78
C GLN A 29 -0.27 -3.19 5.55
N THR A 30 0.01 -4.47 5.33
CA THR A 30 1.12 -5.14 5.98
C THR A 30 2.46 -4.55 5.54
N HIS A 31 2.59 -4.32 4.23
CA HIS A 31 3.82 -3.76 3.68
C HIS A 31 4.06 -2.35 4.21
N GLN A 32 2.99 -1.57 4.29
CA GLN A 32 3.08 -0.19 4.77
C GLN A 32 3.87 -0.13 6.08
N ARG A 33 3.98 -1.27 6.75
CA ARG A 33 4.71 -1.35 8.02
C ARG A 33 6.13 -0.81 7.87
N VAL A 34 6.70 -0.97 6.67
CA VAL A 34 8.05 -0.51 6.40
C VAL A 34 8.12 1.01 6.45
N HIS A 35 6.97 1.65 6.54
CA HIS A 35 6.89 3.11 6.60
C HIS A 35 6.27 3.57 7.91
N THR A 36 5.50 2.69 8.54
CA THR A 36 4.84 3.01 9.80
C THR A 36 5.86 3.24 10.91
N GLY A 37 5.64 4.28 11.70
CA GLY A 37 6.55 4.59 12.79
C GLY A 37 7.20 5.95 12.63
N GLU A 38 7.55 6.29 11.40
CA GLU A 38 8.19 7.57 11.11
C GLU A 38 7.45 8.71 11.80
N LYS A 39 8.11 9.86 11.91
CA LYS A 39 7.53 11.03 12.55
C LYS A 39 6.65 10.62 13.73
N PRO A 40 7.22 9.82 14.64
CA PRO A 40 6.50 9.34 15.82
C PRO A 40 6.23 10.46 16.83
N SER A 41 5.33 10.19 17.77
CA SER A 41 4.98 11.18 18.79
C SER A 41 5.55 10.79 20.15
N GLY A 42 6.34 11.67 20.74
CA GLY A 42 6.93 11.40 22.03
C GLY A 42 7.85 10.19 22.01
N PRO A 43 9.13 10.41 21.68
CA PRO A 43 10.14 9.35 21.61
C PRO A 43 10.49 8.81 22.98
N SER A 44 9.84 9.34 24.01
CA SER A 44 10.09 8.90 25.38
C SER A 44 10.41 7.41 25.42
N SER A 45 11.70 7.08 25.51
CA SER A 45 12.13 5.69 25.57
C SER A 45 12.56 5.30 26.98
N GLY A 46 11.58 4.92 27.80
CA GLY A 46 11.89 4.53 29.17
C GLY A 46 11.17 5.40 30.19
ZN ZN B . 5.90 1.15 0.38
N GLY A 1 -22.66 14.86 -17.84
CA GLY A 1 -21.66 15.77 -17.33
C GLY A 1 -20.35 15.07 -17.00
N SER A 2 -20.25 14.54 -15.78
CA SER A 2 -19.04 13.85 -15.35
C SER A 2 -19.18 12.34 -15.59
N SER A 3 -20.28 11.77 -15.13
CA SER A 3 -20.53 10.34 -15.28
C SER A 3 -20.62 9.96 -16.75
N GLY A 4 -20.19 8.74 -17.07
CA GLY A 4 -20.23 8.28 -18.45
C GLY A 4 -20.47 6.79 -18.54
N SER A 5 -19.42 6.04 -18.90
CA SER A 5 -19.53 4.60 -19.05
C SER A 5 -19.47 3.92 -17.68
N SER A 6 -19.62 2.59 -17.68
CA SER A 6 -19.60 1.82 -16.45
C SER A 6 -18.75 0.56 -16.60
N GLY A 7 -18.47 -0.10 -15.49
CA GLY A 7 -17.67 -1.31 -15.53
C GLY A 7 -16.21 -1.06 -15.27
N MET A 8 -15.40 -2.11 -15.31
CA MET A 8 -13.96 -1.98 -15.07
C MET A 8 -13.68 -1.31 -13.73
N GLY A 9 -14.39 -1.75 -12.70
CA GLY A 9 -14.21 -1.18 -11.38
C GLY A 9 -13.29 -2.01 -10.51
N GLU A 10 -12.09 -2.29 -11.01
CA GLU A 10 -11.11 -3.08 -10.27
C GLU A 10 -10.26 -2.19 -9.39
N LYS A 11 -9.71 -2.78 -8.32
CA LYS A 11 -8.85 -2.04 -7.40
C LYS A 11 -7.42 -2.52 -7.49
N CYS A 12 -6.48 -1.58 -7.40
CA CYS A 12 -5.05 -1.90 -7.48
C CYS A 12 -4.30 -1.25 -6.34
N TYR A 13 -4.38 -1.86 -5.15
CA TYR A 13 -3.70 -1.35 -3.97
C TYR A 13 -2.22 -1.12 -4.26
N LYS A 14 -1.84 0.15 -4.45
CA LYS A 14 -0.46 0.50 -4.72
C LYS A 14 0.02 1.60 -3.77
N CYS A 15 1.16 1.36 -3.14
CA CYS A 15 1.73 2.32 -2.19
C CYS A 15 2.30 3.53 -2.93
N ASP A 16 2.20 4.69 -2.31
CA ASP A 16 2.70 5.92 -2.89
C ASP A 16 4.05 6.30 -2.29
N VAL A 17 4.24 5.99 -1.02
CA VAL A 17 5.49 6.29 -0.32
C VAL A 17 6.69 5.84 -1.14
N CYS A 18 6.79 4.53 -1.37
CA CYS A 18 7.90 3.97 -2.14
C CYS A 18 7.46 3.65 -3.57
N GLY A 19 6.30 3.02 -3.69
CA GLY A 19 5.80 2.67 -5.01
C GLY A 19 5.69 1.16 -5.22
N LYS A 20 4.85 0.52 -4.41
CA LYS A 20 4.67 -0.92 -4.51
C LYS A 20 3.25 -1.26 -4.97
N GLU A 21 3.09 -2.46 -5.51
CA GLU A 21 1.79 -2.91 -6.00
C GLU A 21 1.44 -4.28 -5.43
N PHE A 22 0.18 -4.45 -5.03
CA PHE A 22 -0.29 -5.71 -4.47
C PHE A 22 -1.62 -6.12 -5.08
N SER A 23 -2.05 -7.35 -4.79
CA SER A 23 -3.31 -7.85 -5.32
C SER A 23 -4.43 -7.72 -4.28
N GLN A 24 -4.11 -8.03 -3.03
CA GLN A 24 -5.09 -7.94 -1.95
C GLN A 24 -4.80 -6.74 -1.06
N SER A 25 -5.82 -6.28 -0.34
CA SER A 25 -5.68 -5.14 0.55
C SER A 25 -4.71 -5.45 1.69
N SER A 26 -4.93 -6.59 2.34
CA SER A 26 -4.08 -7.01 3.44
C SER A 26 -2.61 -6.84 3.10
N HIS A 27 -2.21 -7.36 1.94
CA HIS A 27 -0.82 -7.26 1.49
C HIS A 27 -0.28 -5.86 1.72
N LEU A 28 -0.94 -4.87 1.14
CA LEU A 28 -0.52 -3.48 1.28
C LEU A 28 -0.45 -3.07 2.75
N GLN A 29 -1.49 -3.42 3.51
CA GLN A 29 -1.54 -3.10 4.92
C GLN A 29 -0.27 -3.55 5.63
N THR A 30 0.18 -4.76 5.32
CA THR A 30 1.39 -5.31 5.93
C THR A 30 2.63 -4.54 5.47
N HIS A 31 2.72 -4.28 4.18
CA HIS A 31 3.85 -3.56 3.61
C HIS A 31 3.99 -2.18 4.26
N GLN A 32 2.88 -1.47 4.36
CA GLN A 32 2.88 -0.14 4.96
C GLN A 32 3.74 -0.11 6.22
N ARG A 33 3.94 -1.27 6.82
CA ARG A 33 4.74 -1.37 8.04
C ARG A 33 6.12 -0.74 7.84
N VAL A 34 6.71 -0.99 6.68
CA VAL A 34 8.03 -0.45 6.36
C VAL A 34 8.02 1.08 6.42
N HIS A 35 6.82 1.65 6.51
CA HIS A 35 6.68 3.10 6.57
C HIS A 35 6.03 3.52 7.89
N THR A 36 6.17 2.68 8.91
CA THR A 36 5.60 2.96 10.22
C THR A 36 6.69 3.09 11.28
N GLY A 37 6.61 4.16 12.07
CA GLY A 37 7.59 4.39 13.11
C GLY A 37 6.98 4.98 14.36
N GLU A 38 6.31 6.12 14.21
CA GLU A 38 5.68 6.80 15.33
C GLU A 38 4.32 6.18 15.65
N LYS A 39 3.86 6.37 16.87
CA LYS A 39 2.57 5.84 17.30
C LYS A 39 2.52 4.32 17.12
N PRO A 40 3.51 3.62 17.71
CA PRO A 40 3.60 2.16 17.62
C PRO A 40 2.50 1.47 18.42
N SER A 41 1.46 1.03 17.73
CA SER A 41 0.34 0.36 18.38
C SER A 41 0.84 -0.68 19.38
N GLY A 42 0.60 -0.40 20.67
CA GLY A 42 1.03 -1.32 21.71
C GLY A 42 -0.13 -1.95 22.44
N PRO A 43 -0.70 -3.03 21.87
CA PRO A 43 -1.83 -3.74 22.47
C PRO A 43 -1.44 -4.50 23.73
N SER A 44 -1.52 -3.82 24.88
CA SER A 44 -1.18 -4.43 26.16
C SER A 44 -2.10 -5.59 26.47
N SER A 45 -3.41 -5.35 26.34
CA SER A 45 -4.41 -6.37 26.62
C SER A 45 -4.71 -7.19 25.37
N GLY A 46 -4.39 -8.48 25.41
CA GLY A 46 -4.64 -9.35 24.28
C GLY A 46 -5.77 -10.32 24.53
ZN ZN B . 5.69 1.63 0.40
N GLY A 1 0.02 2.19 -24.20
CA GLY A 1 -0.06 2.02 -25.64
C GLY A 1 -1.27 1.23 -26.07
N SER A 2 -1.26 -0.07 -25.79
CA SER A 2 -2.37 -0.95 -26.16
C SER A 2 -2.73 -1.87 -25.00
N SER A 3 -4.01 -2.23 -24.91
CA SER A 3 -4.48 -3.11 -23.85
C SER A 3 -3.43 -4.16 -23.50
N GLY A 4 -3.19 -4.32 -22.21
CA GLY A 4 -2.20 -5.29 -21.74
C GLY A 4 -2.84 -6.46 -21.03
N SER A 5 -2.86 -6.39 -19.70
CA SER A 5 -3.43 -7.46 -18.89
C SER A 5 -4.95 -7.32 -18.81
N SER A 6 -5.43 -6.09 -18.81
CA SER A 6 -6.86 -5.82 -18.73
C SER A 6 -7.56 -6.83 -17.84
N GLY A 7 -6.92 -7.15 -16.71
CA GLY A 7 -7.49 -8.10 -15.78
C GLY A 7 -6.44 -8.78 -14.92
N MET A 8 -5.86 -8.01 -13.99
CA MET A 8 -4.84 -8.54 -13.10
C MET A 8 -5.37 -8.70 -11.68
N GLY A 9 -5.95 -7.62 -11.16
CA GLY A 9 -6.49 -7.65 -9.81
C GLY A 9 -7.52 -6.56 -9.57
N GLU A 10 -8.75 -6.96 -9.27
CA GLU A 10 -9.81 -6.00 -9.02
C GLU A 10 -9.36 -4.92 -8.05
N LYS A 11 -8.31 -5.21 -7.30
CA LYS A 11 -7.77 -4.25 -6.34
C LYS A 11 -6.34 -3.85 -6.72
N CYS A 12 -6.20 -2.64 -7.22
CA CYS A 12 -4.89 -2.12 -7.62
C CYS A 12 -4.20 -1.40 -6.46
N TYR A 13 -4.33 -1.99 -5.26
CA TYR A 13 -3.72 -1.40 -4.07
C TYR A 13 -2.25 -1.08 -4.30
N LYS A 14 -1.96 0.20 -4.49
CA LYS A 14 -0.59 0.64 -4.73
C LYS A 14 -0.13 1.58 -3.62
N CYS A 15 1.16 1.51 -3.29
CA CYS A 15 1.74 2.35 -2.25
C CYS A 15 2.24 3.67 -2.83
N ASP A 16 1.82 4.77 -2.21
CA ASP A 16 2.23 6.10 -2.67
C ASP A 16 3.40 6.61 -1.84
N VAL A 17 4.26 5.70 -1.40
CA VAL A 17 5.43 6.05 -0.61
C VAL A 17 6.71 5.59 -1.28
N CYS A 18 6.76 4.30 -1.63
CA CYS A 18 7.93 3.74 -2.29
C CYS A 18 7.63 3.38 -3.74
N GLY A 19 6.42 2.86 -3.97
CA GLY A 19 6.03 2.49 -5.31
C GLY A 19 5.77 0.99 -5.45
N LYS A 20 5.14 0.41 -4.43
CA LYS A 20 4.84 -1.01 -4.44
C LYS A 20 3.42 -1.28 -4.90
N GLU A 21 3.16 -2.49 -5.37
CA GLU A 21 1.84 -2.86 -5.85
C GLU A 21 1.44 -4.24 -5.33
N PHE A 22 0.20 -4.36 -4.87
CA PHE A 22 -0.31 -5.62 -4.34
C PHE A 22 -1.69 -5.92 -4.90
N SER A 23 -2.07 -7.20 -4.87
CA SER A 23 -3.37 -7.62 -5.38
C SER A 23 -4.42 -7.60 -4.27
N GLN A 24 -4.01 -8.02 -3.07
CA GLN A 24 -4.92 -8.05 -1.93
C GLN A 24 -4.71 -6.82 -1.05
N SER A 25 -5.75 -6.44 -0.30
CA SER A 25 -5.68 -5.29 0.58
C SER A 25 -4.63 -5.49 1.66
N SER A 26 -4.77 -6.56 2.43
CA SER A 26 -3.83 -6.87 3.50
C SER A 26 -2.39 -6.81 3.00
N HIS A 27 -2.17 -7.35 1.81
CA HIS A 27 -0.84 -7.36 1.21
C HIS A 27 -0.22 -5.97 1.25
N LEU A 28 -1.07 -4.95 1.25
CA LEU A 28 -0.61 -3.57 1.28
C LEU A 28 -0.42 -3.09 2.72
N GLN A 29 -1.46 -3.24 3.53
CA GLN A 29 -1.41 -2.83 4.92
C GLN A 29 -0.16 -3.38 5.61
N THR A 30 0.11 -4.66 5.36
CA THR A 30 1.27 -5.32 5.97
C THR A 30 2.57 -4.64 5.53
N HIS A 31 2.64 -4.27 4.26
CA HIS A 31 3.83 -3.62 3.71
C HIS A 31 3.96 -2.20 4.27
N GLN A 32 2.84 -1.49 4.38
CA GLN A 32 2.85 -0.13 4.90
C GLN A 32 3.67 -0.04 6.18
N ARG A 33 3.79 -1.16 6.88
CA ARG A 33 4.55 -1.20 8.13
C ARG A 33 5.96 -0.65 7.92
N VAL A 34 6.62 -1.09 6.86
CA VAL A 34 7.98 -0.64 6.56
C VAL A 34 8.05 0.88 6.55
N HIS A 35 6.90 1.53 6.45
CA HIS A 35 6.84 2.99 6.43
C HIS A 35 6.37 3.53 7.77
N THR A 36 5.60 2.72 8.49
CA THR A 36 5.08 3.12 9.79
C THR A 36 5.59 2.20 10.89
N GLY A 37 6.18 2.79 11.93
CA GLY A 37 6.70 2.00 13.04
C GLY A 37 8.16 2.31 13.33
N GLU A 38 8.95 2.47 12.27
CA GLU A 38 10.37 2.76 12.41
C GLU A 38 10.59 4.22 12.83
N LYS A 39 11.81 4.53 13.25
CA LYS A 39 12.16 5.88 13.68
C LYS A 39 11.08 6.44 14.61
N PRO A 40 10.76 5.68 15.66
CA PRO A 40 9.74 6.09 16.65
C PRO A 40 10.21 7.24 17.52
N SER A 41 9.71 8.44 17.22
CA SER A 41 10.08 9.64 17.97
C SER A 41 9.61 9.54 19.42
N GLY A 42 10.55 9.24 20.31
CA GLY A 42 10.21 9.12 21.72
C GLY A 42 11.32 9.61 22.63
N PRO A 43 11.30 9.16 23.89
CA PRO A 43 12.31 9.55 24.88
C PRO A 43 13.67 8.94 24.59
N SER A 44 14.42 9.56 23.67
CA SER A 44 15.73 9.07 23.31
C SER A 44 15.78 7.54 23.32
N SER A 45 14.72 6.93 22.79
CA SER A 45 14.64 5.47 22.75
C SER A 45 15.91 4.88 22.16
N GLY A 46 16.35 3.76 22.73
CA GLY A 46 17.56 3.10 22.25
C GLY A 46 17.34 1.63 21.95
ZN ZN B . 5.67 1.32 0.15
N GLY A 1 -17.24 13.09 -16.28
CA GLY A 1 -18.20 13.80 -17.11
C GLY A 1 -19.51 13.05 -17.24
N SER A 2 -19.72 12.42 -18.40
CA SER A 2 -20.94 11.68 -18.65
C SER A 2 -20.62 10.30 -19.24
N SER A 3 -20.34 9.34 -18.36
CA SER A 3 -20.02 7.99 -18.79
C SER A 3 -20.99 6.98 -18.18
N GLY A 4 -21.40 6.00 -18.98
CA GLY A 4 -22.33 4.98 -18.51
C GLY A 4 -22.29 3.72 -19.35
N SER A 5 -21.18 3.00 -19.26
CA SER A 5 -21.02 1.76 -20.03
C SER A 5 -20.37 0.67 -19.18
N SER A 6 -20.41 -0.56 -19.68
CA SER A 6 -19.83 -1.69 -18.96
C SER A 6 -18.34 -1.46 -18.70
N GLY A 7 -17.76 -2.29 -17.84
CA GLY A 7 -16.34 -2.16 -17.53
C GLY A 7 -16.10 -1.92 -16.04
N MET A 8 -15.58 -2.94 -15.37
CA MET A 8 -15.30 -2.83 -13.93
C MET A 8 -14.15 -3.74 -13.54
N GLY A 9 -13.19 -3.19 -12.81
CA GLY A 9 -12.04 -3.96 -12.37
C GLY A 9 -11.81 -3.86 -10.88
N GLU A 10 -10.75 -4.51 -10.40
CA GLU A 10 -10.41 -4.50 -8.99
C GLU A 10 -9.51 -3.31 -8.65
N LYS A 11 -9.46 -2.97 -7.36
CA LYS A 11 -8.63 -1.85 -6.91
C LYS A 11 -7.18 -2.29 -6.72
N CYS A 12 -6.31 -1.77 -7.57
CA CYS A 12 -4.88 -2.10 -7.50
C CYS A 12 -4.20 -1.35 -6.36
N TYR A 13 -4.28 -1.91 -5.16
CA TYR A 13 -3.67 -1.29 -3.98
C TYR A 13 -2.19 -1.01 -4.23
N LYS A 14 -1.89 0.24 -4.58
CA LYS A 14 -0.52 0.64 -4.84
C LYS A 14 -0.01 1.57 -3.73
N CYS A 15 1.11 1.18 -3.11
CA CYS A 15 1.70 1.97 -2.04
C CYS A 15 2.13 3.35 -2.55
N ASP A 16 1.53 4.39 -2.00
CA ASP A 16 1.85 5.75 -2.40
C ASP A 16 2.99 6.31 -1.56
N VAL A 17 3.98 5.46 -1.27
CA VAL A 17 5.13 5.87 -0.48
C VAL A 17 6.43 5.51 -1.17
N CYS A 18 6.57 4.24 -1.55
CA CYS A 18 7.77 3.76 -2.23
C CYS A 18 7.47 3.43 -3.68
N GLY A 19 6.32 2.81 -3.91
CA GLY A 19 5.94 2.43 -5.26
C GLY A 19 5.68 0.95 -5.40
N LYS A 20 5.16 0.34 -4.35
CA LYS A 20 4.86 -1.09 -4.35
C LYS A 20 3.42 -1.34 -4.79
N GLU A 21 3.17 -2.55 -5.28
CA GLU A 21 1.83 -2.92 -5.73
C GLU A 21 1.45 -4.31 -5.23
N PHE A 22 0.20 -4.45 -4.78
CA PHE A 22 -0.29 -5.72 -4.27
C PHE A 22 -1.66 -6.06 -4.86
N SER A 23 -1.98 -7.35 -4.89
CA SER A 23 -3.26 -7.80 -5.43
C SER A 23 -4.39 -7.59 -4.42
N GLN A 24 -4.11 -7.91 -3.16
CA GLN A 24 -5.10 -7.75 -2.10
C GLN A 24 -4.79 -6.54 -1.23
N SER A 25 -5.77 -6.11 -0.45
CA SER A 25 -5.60 -4.95 0.41
C SER A 25 -4.60 -5.25 1.53
N SER A 26 -4.91 -6.25 2.34
CA SER A 26 -4.05 -6.64 3.45
C SER A 26 -2.58 -6.59 3.03
N HIS A 27 -2.26 -7.25 1.92
CA HIS A 27 -0.90 -7.28 1.40
C HIS A 27 -0.24 -5.91 1.51
N LEU A 28 -0.97 -4.88 1.09
CA LEU A 28 -0.45 -3.51 1.13
C LEU A 28 -0.18 -3.09 2.57
N GLN A 29 -1.22 -3.11 3.40
CA GLN A 29 -1.09 -2.73 4.80
C GLN A 29 0.14 -3.37 5.43
N THR A 30 0.29 -4.68 5.22
CA THR A 30 1.41 -5.42 5.77
C THR A 30 2.73 -4.75 5.42
N HIS A 31 2.86 -4.34 4.16
CA HIS A 31 4.08 -3.68 3.70
C HIS A 31 4.17 -2.26 4.24
N GLN A 32 3.03 -1.60 4.35
CA GLN A 32 2.98 -0.23 4.84
C GLN A 32 3.73 -0.11 6.17
N ARG A 33 3.83 -1.22 6.88
CA ARG A 33 4.53 -1.23 8.17
C ARG A 33 5.96 -0.73 8.02
N VAL A 34 6.54 -0.94 6.84
CA VAL A 34 7.90 -0.51 6.57
C VAL A 34 7.97 1.01 6.41
N HIS A 35 6.81 1.66 6.46
CA HIS A 35 6.75 3.11 6.31
C HIS A 35 6.26 3.76 7.60
N THR A 36 5.42 3.04 8.34
CA THR A 36 4.88 3.54 9.59
C THR A 36 5.94 3.57 10.69
N GLY A 37 6.99 2.78 10.50
CA GLY A 37 8.07 2.73 11.48
C GLY A 37 9.11 3.79 11.23
N GLU A 38 8.66 5.02 10.95
CA GLU A 38 9.56 6.13 10.69
C GLU A 38 9.64 7.05 11.91
N LYS A 39 10.53 8.04 11.84
CA LYS A 39 10.69 9.00 12.93
C LYS A 39 11.08 8.28 14.22
N PRO A 40 12.15 7.47 14.14
CA PRO A 40 12.64 6.72 15.30
C PRO A 40 13.28 7.62 16.35
N SER A 41 13.36 8.92 16.04
CA SER A 41 13.96 9.88 16.96
C SER A 41 12.87 10.76 17.58
N GLY A 42 13.13 11.23 18.81
CA GLY A 42 12.18 12.08 19.50
C GLY A 42 12.28 11.96 21.00
N PRO A 43 11.80 13.00 21.71
CA PRO A 43 11.83 13.03 23.18
C PRO A 43 10.86 12.03 23.80
N SER A 44 10.83 12.00 25.12
CA SER A 44 9.96 11.08 25.85
C SER A 44 8.64 10.89 25.10
N SER A 45 8.18 9.65 25.04
CA SER A 45 6.93 9.32 24.35
C SER A 45 5.86 10.34 24.66
N GLY A 46 5.40 11.06 23.64
CA GLY A 46 4.37 12.06 23.84
C GLY A 46 3.18 11.53 24.61
ZN ZN B . 5.86 1.09 0.14
N GLY A 1 -29.13 0.21 -9.28
CA GLY A 1 -27.80 0.40 -9.83
C GLY A 1 -26.80 -0.60 -9.31
N SER A 2 -25.88 -1.01 -10.18
CA SER A 2 -24.86 -1.98 -9.79
C SER A 2 -23.46 -1.38 -9.91
N SER A 3 -22.45 -2.14 -9.48
CA SER A 3 -21.07 -1.68 -9.54
C SER A 3 -20.38 -2.16 -10.82
N GLY A 4 -19.39 -1.41 -11.26
CA GLY A 4 -18.67 -1.77 -12.47
C GLY A 4 -17.51 -0.84 -12.76
N SER A 5 -16.35 -1.15 -12.18
CA SER A 5 -15.16 -0.34 -12.37
C SER A 5 -14.38 -0.80 -13.59
N SER A 6 -13.59 0.11 -14.16
CA SER A 6 -12.80 -0.19 -15.34
C SER A 6 -11.59 0.74 -15.44
N GLY A 7 -10.47 0.20 -15.91
CA GLY A 7 -9.26 1.00 -16.05
C GLY A 7 -8.13 0.48 -15.18
N MET A 8 -7.83 -0.80 -15.30
CA MET A 8 -6.76 -1.41 -14.53
C MET A 8 -7.03 -1.30 -13.03
N GLY A 9 -8.27 -1.53 -12.64
CA GLY A 9 -8.65 -1.44 -11.24
C GLY A 9 -8.51 -2.77 -10.52
N GLU A 10 -9.65 -3.42 -10.25
CA GLU A 10 -9.65 -4.69 -9.57
C GLU A 10 -9.02 -4.57 -8.17
N LYS A 11 -9.23 -3.42 -7.54
CA LYS A 11 -8.69 -3.17 -6.21
C LYS A 11 -7.17 -3.31 -6.21
N CYS A 12 -6.52 -2.64 -7.16
CA CYS A 12 -5.07 -2.68 -7.26
C CYS A 12 -4.43 -1.76 -6.23
N TYR A 13 -4.22 -2.27 -5.03
CA TYR A 13 -3.62 -1.49 -3.96
C TYR A 13 -2.16 -1.19 -4.26
N LYS A 14 -1.84 0.10 -4.38
CA LYS A 14 -0.48 0.53 -4.68
C LYS A 14 0.00 1.54 -3.64
N CYS A 15 1.24 1.37 -3.19
CA CYS A 15 1.82 2.27 -2.20
C CYS A 15 2.46 3.48 -2.87
N ASP A 16 1.98 4.67 -2.51
CA ASP A 16 2.50 5.91 -3.08
C ASP A 16 3.80 6.31 -2.40
N VAL A 17 3.94 5.94 -1.13
CA VAL A 17 5.14 6.27 -0.36
C VAL A 17 6.40 5.88 -1.14
N CYS A 18 6.47 4.63 -1.57
CA CYS A 18 7.61 4.13 -2.31
C CYS A 18 7.22 3.78 -3.74
N GLY A 19 6.12 3.05 -3.88
CA GLY A 19 5.65 2.65 -5.20
C GLY A 19 5.42 1.16 -5.30
N LYS A 20 4.97 0.55 -4.21
CA LYS A 20 4.71 -0.88 -4.17
C LYS A 20 3.34 -1.21 -4.78
N GLU A 21 3.15 -2.46 -5.17
CA GLU A 21 1.89 -2.89 -5.77
C GLU A 21 1.51 -4.28 -5.27
N PHE A 22 0.31 -4.40 -4.73
CA PHE A 22 -0.17 -5.69 -4.22
C PHE A 22 -1.55 -6.02 -4.81
N SER A 23 -1.91 -7.30 -4.78
CA SER A 23 -3.19 -7.76 -5.31
C SER A 23 -4.16 -8.06 -4.18
N GLN A 24 -3.87 -7.55 -3.00
CA GLN A 24 -4.71 -7.77 -1.84
C GLN A 24 -4.63 -6.59 -0.87
N SER A 25 -5.78 -5.98 -0.59
CA SER A 25 -5.84 -4.84 0.31
C SER A 25 -5.05 -5.11 1.58
N SER A 26 -5.08 -6.36 2.04
CA SER A 26 -4.37 -6.75 3.25
C SER A 26 -2.86 -6.76 3.01
N HIS A 27 -2.45 -7.24 1.83
CA HIS A 27 -1.03 -7.31 1.47
C HIS A 27 -0.37 -5.95 1.66
N LEU A 28 -1.02 -4.89 1.17
CA LEU A 28 -0.48 -3.54 1.28
C LEU A 28 -0.33 -3.14 2.74
N GLN A 29 -1.40 -3.32 3.52
CA GLN A 29 -1.39 -2.97 4.94
C GLN A 29 -0.13 -3.53 5.62
N THR A 30 0.19 -4.78 5.31
CA THR A 30 1.36 -5.44 5.90
C THR A 30 2.65 -4.76 5.44
N HIS A 31 2.70 -4.42 4.16
CA HIS A 31 3.90 -3.77 3.60
C HIS A 31 4.07 -2.37 4.19
N GLN A 32 2.96 -1.67 4.41
CA GLN A 32 3.00 -0.33 4.97
C GLN A 32 3.82 -0.30 6.25
N ARG A 33 4.06 -1.47 6.83
CA ARG A 33 4.84 -1.58 8.06
C ARG A 33 6.22 -0.95 7.88
N VAL A 34 6.73 -1.00 6.66
CA VAL A 34 8.05 -0.44 6.36
C VAL A 34 8.01 1.08 6.37
N HIS A 35 6.81 1.64 6.45
CA HIS A 35 6.63 3.09 6.48
C HIS A 35 6.01 3.55 7.79
N THR A 36 5.24 2.65 8.42
CA THR A 36 4.58 2.97 9.68
C THR A 36 5.60 3.33 10.75
N GLY A 37 5.23 4.27 11.62
CA GLY A 37 6.13 4.68 12.68
C GLY A 37 7.44 5.22 12.15
N GLU A 38 8.08 6.09 12.93
CA GLU A 38 9.35 6.68 12.53
C GLU A 38 10.52 6.00 13.26
N LYS A 39 11.39 5.36 12.48
CA LYS A 39 12.55 4.68 13.04
C LYS A 39 13.55 5.68 13.62
N PRO A 40 14.06 6.57 12.75
CA PRO A 40 15.03 7.59 13.16
C PRO A 40 14.40 8.66 14.05
N SER A 41 14.93 8.78 15.27
CA SER A 41 14.42 9.76 16.23
C SER A 41 14.43 11.16 15.63
N GLY A 42 13.64 12.06 16.21
CA GLY A 42 13.58 13.42 15.72
C GLY A 42 12.95 13.51 14.34
N PRO A 43 11.60 13.54 14.32
CA PRO A 43 10.84 13.63 13.07
C PRO A 43 10.98 15.00 12.40
N SER A 44 11.79 15.87 13.00
CA SER A 44 12.00 17.20 12.46
C SER A 44 13.07 17.19 11.37
N SER A 45 14.25 16.72 11.71
CA SER A 45 15.36 16.64 10.77
C SER A 45 16.36 15.57 11.17
N GLY A 46 16.96 14.92 10.18
CA GLY A 46 17.93 13.88 10.45
C GLY A 46 19.22 14.07 9.66
ZN ZN B . 5.75 1.34 0.34
N GLY A 1 -28.96 -2.79 -14.60
CA GLY A 1 -27.95 -3.81 -14.40
C GLY A 1 -26.87 -3.80 -15.46
N SER A 2 -25.70 -3.31 -15.10
CA SER A 2 -24.57 -3.24 -16.04
C SER A 2 -24.55 -4.46 -16.95
N SER A 3 -24.89 -4.25 -18.22
CA SER A 3 -24.92 -5.33 -19.20
C SER A 3 -23.70 -5.26 -20.12
N GLY A 4 -22.54 -4.99 -19.54
CA GLY A 4 -21.32 -4.90 -20.31
C GLY A 4 -20.10 -5.36 -19.53
N SER A 5 -20.07 -5.04 -18.24
CA SER A 5 -18.96 -5.42 -17.39
C SER A 5 -17.63 -4.90 -17.96
N SER A 6 -17.64 -3.63 -18.38
CA SER A 6 -16.45 -3.01 -18.95
C SER A 6 -15.38 -2.80 -17.88
N GLY A 7 -15.79 -2.25 -16.74
CA GLY A 7 -14.87 -2.00 -15.65
C GLY A 7 -14.42 -3.28 -14.97
N MET A 8 -13.57 -3.14 -13.96
CA MET A 8 -13.07 -4.29 -13.22
C MET A 8 -13.06 -4.01 -11.73
N GLY A 9 -13.11 -5.07 -10.92
CA GLY A 9 -13.10 -4.92 -9.49
C GLY A 9 -11.71 -4.68 -8.93
N GLU A 10 -10.75 -5.48 -9.38
CA GLU A 10 -9.37 -5.34 -8.92
C GLU A 10 -8.97 -3.87 -8.80
N LYS A 11 -8.35 -3.52 -7.68
CA LYS A 11 -7.92 -2.16 -7.43
C LYS A 11 -6.40 -2.04 -7.50
N CYS A 12 -5.74 -3.14 -7.84
CA CYS A 12 -4.29 -3.16 -7.93
C CYS A 12 -3.66 -2.22 -6.91
N TYR A 13 -4.03 -2.39 -5.65
CA TYR A 13 -3.51 -1.55 -4.58
C TYR A 13 -2.06 -1.16 -4.85
N LYS A 14 -1.73 0.10 -4.57
CA LYS A 14 -0.37 0.60 -4.77
C LYS A 14 0.11 1.37 -3.56
N CYS A 15 1.39 1.19 -3.22
CA CYS A 15 1.98 1.87 -2.07
C CYS A 15 2.38 3.30 -2.44
N ASP A 16 1.57 4.26 -2.03
CA ASP A 16 1.84 5.67 -2.30
C ASP A 16 2.87 6.23 -1.33
N VAL A 17 3.93 5.46 -1.08
CA VAL A 17 4.98 5.88 -0.17
C VAL A 17 6.35 5.64 -0.76
N CYS A 18 6.56 4.43 -1.29
CA CYS A 18 7.84 4.06 -1.90
C CYS A 18 7.65 3.67 -3.36
N GLY A 19 6.56 2.97 -3.65
CA GLY A 19 6.29 2.54 -5.01
C GLY A 19 6.12 1.04 -5.11
N LYS A 20 4.98 0.53 -4.71
CA LYS A 20 4.71 -0.90 -4.76
C LYS A 20 3.27 -1.17 -5.21
N GLU A 21 2.98 -2.43 -5.53
CA GLU A 21 1.64 -2.81 -5.97
C GLU A 21 1.28 -4.20 -5.45
N PHE A 22 0.09 -4.30 -4.86
CA PHE A 22 -0.38 -5.58 -4.32
C PHE A 22 -1.78 -5.90 -4.83
N SER A 23 -2.25 -7.10 -4.51
CA SER A 23 -3.57 -7.54 -4.95
C SER A 23 -4.51 -7.67 -3.75
N GLN A 24 -3.98 -8.15 -2.63
CA GLN A 24 -4.78 -8.32 -1.43
C GLN A 24 -4.68 -7.09 -0.53
N SER A 25 -5.83 -6.48 -0.23
CA SER A 25 -5.88 -5.29 0.60
C SER A 25 -4.90 -5.40 1.76
N SER A 26 -4.76 -6.60 2.31
CA SER A 26 -3.85 -6.85 3.43
C SER A 26 -2.40 -6.70 2.98
N HIS A 27 -2.09 -7.24 1.80
CA HIS A 27 -0.74 -7.17 1.27
C HIS A 27 -0.21 -5.75 1.30
N LEU A 28 -1.07 -4.79 0.97
CA LEU A 28 -0.70 -3.38 0.96
C LEU A 28 -0.50 -2.87 2.38
N GLN A 29 -1.52 -3.00 3.21
CA GLN A 29 -1.46 -2.55 4.60
C GLN A 29 -0.20 -3.09 5.28
N THR A 30 0.02 -4.38 5.16
CA THR A 30 1.19 -5.02 5.76
C THR A 30 2.48 -4.33 5.34
N HIS A 31 2.64 -4.15 4.03
CA HIS A 31 3.84 -3.51 3.48
C HIS A 31 4.03 -2.13 4.11
N GLN A 32 2.95 -1.35 4.15
CA GLN A 32 3.01 0.00 4.72
C GLN A 32 3.77 0.00 6.04
N ARG A 33 3.85 -1.17 6.67
CA ARG A 33 4.55 -1.30 7.94
C ARG A 33 5.99 -0.84 7.82
N VAL A 34 6.63 -1.17 6.71
CA VAL A 34 8.02 -0.79 6.48
C VAL A 34 8.18 0.73 6.57
N HIS A 35 7.06 1.45 6.56
CA HIS A 35 7.09 2.89 6.65
C HIS A 35 6.40 3.38 7.93
N THR A 36 6.44 2.56 8.96
CA THR A 36 5.81 2.89 10.23
C THR A 36 6.79 2.72 11.39
N GLY A 37 7.57 3.76 11.66
CA GLY A 37 8.54 3.70 12.74
C GLY A 37 9.78 4.52 12.45
N GLU A 38 10.06 5.49 13.32
CA GLU A 38 11.23 6.35 13.16
C GLU A 38 12.26 6.08 14.24
N LYS A 39 12.55 4.81 14.48
CA LYS A 39 13.52 4.43 15.50
C LYS A 39 14.47 3.35 14.97
N PRO A 40 15.15 3.67 13.86
CA PRO A 40 16.10 2.75 13.22
C PRO A 40 17.36 2.54 14.07
N SER A 41 17.39 3.17 15.23
CA SER A 41 18.53 3.06 16.13
C SER A 41 18.52 1.72 16.86
N GLY A 42 19.06 0.69 16.20
CA GLY A 42 19.10 -0.63 16.80
C GLY A 42 19.98 -0.68 18.04
N PRO A 43 19.59 -1.51 19.01
CA PRO A 43 20.35 -1.67 20.26
C PRO A 43 21.69 -2.37 20.05
N SER A 44 22.59 -2.24 21.02
CA SER A 44 23.91 -2.86 20.94
C SER A 44 23.86 -4.29 21.47
N SER A 45 24.71 -5.15 20.91
CA SER A 45 24.77 -6.54 21.33
C SER A 45 25.08 -6.65 22.81
N GLY A 46 24.12 -7.17 23.58
CA GLY A 46 24.31 -7.32 25.01
C GLY A 46 23.54 -8.49 25.58
ZN ZN B . 6.10 1.06 0.40
N GLY A 1 -26.94 11.09 -7.95
CA GLY A 1 -25.70 10.91 -8.68
C GLY A 1 -24.97 9.63 -8.30
N SER A 2 -25.38 8.52 -8.90
CA SER A 2 -24.77 7.23 -8.61
C SER A 2 -23.92 6.75 -9.79
N SER A 3 -23.18 7.67 -10.39
CA SER A 3 -22.33 7.35 -11.53
C SER A 3 -20.96 8.01 -11.38
N GLY A 4 -19.92 7.17 -11.38
CA GLY A 4 -18.56 7.68 -11.24
C GLY A 4 -17.75 6.89 -10.24
N SER A 5 -16.66 6.28 -10.71
CA SER A 5 -15.80 5.49 -9.84
C SER A 5 -16.62 4.69 -8.84
N SER A 6 -17.72 4.11 -9.31
CA SER A 6 -18.60 3.32 -8.44
C SER A 6 -18.66 1.87 -8.92
N GLY A 7 -18.87 1.68 -10.22
CA GLY A 7 -18.96 0.34 -10.76
C GLY A 7 -17.75 -0.01 -11.61
N MET A 8 -17.34 0.92 -12.47
CA MET A 8 -16.19 0.70 -13.34
C MET A 8 -14.89 1.14 -12.66
N GLY A 9 -14.76 0.80 -11.38
CA GLY A 9 -13.58 1.16 -10.64
C GLY A 9 -12.68 -0.03 -10.36
N GLU A 10 -11.39 0.13 -10.62
CA GLU A 10 -10.42 -0.94 -10.40
C GLU A 10 -9.76 -0.80 -9.03
N LYS A 11 -9.47 -1.93 -8.41
CA LYS A 11 -8.83 -1.94 -7.10
C LYS A 11 -7.42 -2.52 -7.18
N CYS A 12 -6.43 -1.64 -7.25
CA CYS A 12 -5.03 -2.05 -7.33
C CYS A 12 -4.22 -1.41 -6.24
N TYR A 13 -4.48 -1.80 -5.00
CA TYR A 13 -3.76 -1.26 -3.84
C TYR A 13 -2.30 -0.98 -4.20
N LYS A 14 -2.00 0.29 -4.49
CA LYS A 14 -0.65 0.70 -4.85
C LYS A 14 -0.06 1.61 -3.77
N CYS A 15 1.18 1.33 -3.40
CA CYS A 15 1.87 2.13 -2.38
C CYS A 15 2.55 3.34 -3.01
N ASP A 16 1.96 4.51 -2.80
CA ASP A 16 2.51 5.75 -3.35
C ASP A 16 3.81 6.12 -2.65
N VAL A 17 3.89 5.79 -1.36
CA VAL A 17 5.08 6.09 -0.57
C VAL A 17 6.35 5.69 -1.31
N CYS A 18 6.50 4.40 -1.58
CA CYS A 18 7.66 3.89 -2.29
C CYS A 18 7.34 3.64 -3.76
N GLY A 19 6.18 3.05 -4.02
CA GLY A 19 5.78 2.77 -5.39
C GLY A 19 5.55 1.29 -5.62
N LYS A 20 5.12 0.59 -4.59
CA LYS A 20 4.85 -0.84 -4.68
C LYS A 20 3.39 -1.11 -5.06
N GLU A 21 3.07 -2.36 -5.32
CA GLU A 21 1.72 -2.75 -5.69
C GLU A 21 1.37 -4.13 -5.17
N PHE A 22 0.11 -4.33 -4.78
CA PHE A 22 -0.34 -5.62 -4.27
C PHE A 22 -1.75 -5.92 -4.74
N SER A 23 -2.05 -7.21 -4.91
CA SER A 23 -3.36 -7.64 -5.37
C SER A 23 -4.26 -8.00 -4.18
N GLN A 24 -3.86 -7.57 -2.99
CA GLN A 24 -4.62 -7.85 -1.78
C GLN A 24 -4.53 -6.69 -0.80
N SER A 25 -5.68 -6.16 -0.40
CA SER A 25 -5.73 -5.04 0.54
C SER A 25 -4.85 -5.32 1.75
N SER A 26 -4.79 -6.58 2.16
CA SER A 26 -3.99 -6.97 3.31
C SER A 26 -2.50 -6.90 3.00
N HIS A 27 -2.15 -7.34 1.79
CA HIS A 27 -0.75 -7.33 1.36
C HIS A 27 -0.13 -5.95 1.55
N LEU A 28 -0.86 -4.92 1.14
CA LEU A 28 -0.38 -3.55 1.27
C LEU A 28 -0.22 -3.16 2.73
N GLN A 29 -1.34 -3.21 3.47
CA GLN A 29 -1.32 -2.86 4.89
C GLN A 29 -0.12 -3.48 5.59
N THR A 30 0.15 -4.75 5.28
CA THR A 30 1.28 -5.45 5.89
C THR A 30 2.61 -4.81 5.50
N HIS A 31 2.67 -4.33 4.26
CA HIS A 31 3.89 -3.69 3.76
C HIS A 31 4.08 -2.31 4.40
N GLN A 32 3.01 -1.53 4.45
CA GLN A 32 3.05 -0.19 5.04
C GLN A 32 3.71 -0.23 6.41
N ARG A 33 3.76 -1.42 7.01
CA ARG A 33 4.36 -1.58 8.33
C ARG A 33 5.83 -1.15 8.31
N VAL A 34 6.39 -1.02 7.13
CA VAL A 34 7.79 -0.62 6.97
C VAL A 34 7.91 0.89 6.85
N HIS A 35 6.79 1.55 6.53
CA HIS A 35 6.77 3.00 6.39
C HIS A 35 6.37 3.67 7.69
N THR A 36 5.68 2.93 8.55
CA THR A 36 5.23 3.45 9.83
C THR A 36 6.37 3.46 10.85
N GLY A 37 6.50 4.55 11.59
CA GLY A 37 7.54 4.66 12.59
C GLY A 37 7.85 6.09 12.97
N GLU A 38 9.13 6.44 13.01
CA GLU A 38 9.55 7.79 13.35
C GLU A 38 9.48 8.71 12.14
N LYS A 39 8.74 8.27 11.12
CA LYS A 39 8.58 9.06 9.90
C LYS A 39 8.08 10.47 10.22
N PRO A 40 6.90 10.54 10.84
CA PRO A 40 6.28 11.82 11.21
C PRO A 40 7.03 12.51 12.34
N SER A 41 7.61 11.73 13.24
CA SER A 41 8.35 12.27 14.37
C SER A 41 9.61 11.43 14.65
N GLY A 42 10.70 12.12 14.94
CA GLY A 42 11.95 11.43 15.23
C GLY A 42 12.66 11.99 16.44
N PRO A 43 13.35 11.10 17.19
CA PRO A 43 14.09 11.50 18.39
C PRO A 43 15.32 12.34 18.07
N SER A 44 15.64 12.45 16.78
CA SER A 44 16.79 13.22 16.34
C SER A 44 16.36 14.58 15.81
N SER A 45 17.26 15.55 15.92
CA SER A 45 16.97 16.91 15.45
C SER A 45 18.20 17.53 14.78
N GLY A 46 18.01 18.01 13.55
CA GLY A 46 19.10 18.61 12.82
C GLY A 46 20.15 17.60 12.40
ZN ZN B . 5.65 1.12 0.31
N GLY A 1 9.74 3.03 -21.75
CA GLY A 1 8.71 3.53 -22.65
C GLY A 1 7.38 3.72 -21.97
N SER A 2 6.34 3.15 -22.53
CA SER A 2 5.00 3.27 -21.97
C SER A 2 4.55 1.96 -21.33
N SER A 3 5.47 1.32 -20.62
CA SER A 3 5.17 0.05 -19.96
C SER A 3 4.33 -0.85 -20.86
N GLY A 4 4.68 -0.88 -22.15
CA GLY A 4 3.94 -1.70 -23.09
C GLY A 4 2.47 -1.33 -23.16
N SER A 5 1.65 -2.24 -23.68
CA SER A 5 0.23 -2.00 -23.81
C SER A 5 -0.58 -3.14 -23.18
N SER A 6 -0.13 -3.60 -22.02
CA SER A 6 -0.79 -4.70 -21.33
C SER A 6 -1.09 -4.32 -19.87
N GLY A 7 -1.94 -5.10 -19.23
CA GLY A 7 -2.29 -4.83 -17.84
C GLY A 7 -3.59 -5.50 -17.42
N MET A 8 -3.58 -6.09 -16.24
CA MET A 8 -4.76 -6.78 -15.73
C MET A 8 -4.84 -6.68 -14.21
N GLY A 9 -6.01 -6.99 -13.65
CA GLY A 9 -6.18 -6.94 -12.22
C GLY A 9 -7.31 -6.01 -11.80
N GLU A 10 -8.30 -6.57 -11.11
CA GLU A 10 -9.45 -5.79 -10.67
C GLU A 10 -9.07 -4.88 -9.50
N LYS A 11 -8.12 -5.34 -8.68
CA LYS A 11 -7.67 -4.56 -7.53
C LYS A 11 -6.15 -4.39 -7.55
N CYS A 12 -5.71 -3.17 -7.80
CA CYS A 12 -4.27 -2.87 -7.85
C CYS A 12 -3.87 -1.94 -6.72
N TYR A 13 -3.60 -2.51 -5.55
CA TYR A 13 -3.21 -1.73 -4.38
C TYR A 13 -1.76 -1.27 -4.50
N LYS A 14 -1.57 -0.01 -4.87
CA LYS A 14 -0.24 0.55 -5.02
C LYS A 14 0.11 1.45 -3.83
N CYS A 15 1.21 1.14 -3.17
CA CYS A 15 1.65 1.92 -2.02
C CYS A 15 2.04 3.34 -2.43
N ASP A 16 1.29 4.32 -1.95
CA ASP A 16 1.55 5.72 -2.27
C ASP A 16 2.61 6.29 -1.34
N VAL A 17 3.67 5.53 -1.11
CA VAL A 17 4.76 5.96 -0.25
C VAL A 17 6.12 5.69 -0.88
N CYS A 18 6.30 4.47 -1.38
CA CYS A 18 7.55 4.08 -2.01
C CYS A 18 7.33 3.70 -3.46
N GLY A 19 6.22 3.00 -3.73
CA GLY A 19 5.91 2.58 -5.08
C GLY A 19 5.80 1.08 -5.21
N LYS A 20 4.92 0.47 -4.42
CA LYS A 20 4.72 -0.97 -4.45
C LYS A 20 3.44 -1.32 -5.20
N GLU A 21 3.14 -2.62 -5.25
CA GLU A 21 1.94 -3.09 -5.94
C GLU A 21 1.50 -4.44 -5.40
N PHE A 22 0.27 -4.51 -4.90
CA PHE A 22 -0.28 -5.74 -4.35
C PHE A 22 -1.64 -6.06 -4.97
N SER A 23 -2.14 -7.26 -4.69
CA SER A 23 -3.42 -7.69 -5.22
C SER A 23 -4.54 -7.41 -4.23
N GLN A 24 -4.31 -7.74 -2.96
CA GLN A 24 -5.30 -7.52 -1.92
C GLN A 24 -4.88 -6.37 -1.00
N SER A 25 -5.85 -5.79 -0.30
CA SER A 25 -5.59 -4.68 0.60
C SER A 25 -4.62 -5.09 1.71
N SER A 26 -4.98 -6.14 2.44
CA SER A 26 -4.15 -6.64 3.53
C SER A 26 -2.69 -6.65 3.14
N HIS A 27 -2.38 -7.28 2.00
CA HIS A 27 -1.02 -7.36 1.51
C HIS A 27 -0.32 -6.02 1.63
N LEU A 28 -0.89 -4.99 1.01
CA LEU A 28 -0.31 -3.65 1.05
C LEU A 28 -0.18 -3.16 2.49
N GLN A 29 -1.28 -3.21 3.24
CA GLN A 29 -1.27 -2.77 4.63
C GLN A 29 -0.07 -3.33 5.37
N THR A 30 0.15 -4.64 5.23
CA THR A 30 1.27 -5.29 5.89
C THR A 30 2.60 -4.66 5.48
N HIS A 31 2.75 -4.39 4.19
CA HIS A 31 3.97 -3.78 3.67
C HIS A 31 4.14 -2.36 4.22
N GLN A 32 3.05 -1.60 4.21
CA GLN A 32 3.08 -0.22 4.69
C GLN A 32 3.88 -0.11 5.98
N ARG A 33 3.99 -1.23 6.70
CA ARG A 33 4.73 -1.26 7.96
C ARG A 33 6.13 -0.68 7.78
N VAL A 34 6.76 -1.00 6.65
CA VAL A 34 8.10 -0.51 6.36
C VAL A 34 8.18 1.01 6.50
N HIS A 35 7.02 1.65 6.53
CA HIS A 35 6.95 3.11 6.68
C HIS A 35 6.33 3.50 8.01
N THR A 36 5.43 2.65 8.51
CA THR A 36 4.76 2.90 9.78
C THR A 36 5.77 3.27 10.87
N GLY A 37 5.27 3.83 11.97
CA GLY A 37 6.13 4.20 13.06
C GLY A 37 7.09 3.11 13.46
N GLU A 38 6.59 1.87 13.51
CA GLU A 38 7.41 0.73 13.89
C GLU A 38 8.27 0.28 12.71
N LYS A 39 9.54 0.66 12.74
CA LYS A 39 10.48 0.29 11.69
C LYS A 39 11.80 -0.19 12.28
N PRO A 40 11.74 -1.23 13.12
CA PRO A 40 12.92 -1.82 13.75
C PRO A 40 13.81 -2.56 12.76
N SER A 41 13.44 -2.50 11.49
CA SER A 41 14.21 -3.17 10.45
C SER A 41 15.16 -2.20 9.76
N GLY A 42 16.45 -2.50 9.83
CA GLY A 42 17.46 -1.64 9.22
C GLY A 42 18.19 -2.32 8.08
N PRO A 43 19.36 -1.77 7.71
CA PRO A 43 20.18 -2.31 6.63
C PRO A 43 20.81 -3.65 6.99
N SER A 44 21.39 -3.73 8.19
CA SER A 44 22.03 -4.95 8.66
C SER A 44 22.80 -5.63 7.53
N SER A 45 23.51 -4.83 6.75
CA SER A 45 24.29 -5.36 5.63
C SER A 45 25.78 -5.37 5.96
N GLY A 46 26.48 -6.38 5.46
CA GLY A 46 27.91 -6.49 5.71
C GLY A 46 28.74 -5.81 4.64
ZN ZN B . 5.67 1.25 0.55
N GLY A 1 -24.21 2.76 -26.85
CA GLY A 1 -25.41 1.99 -26.57
C GLY A 1 -25.10 0.55 -26.17
N SER A 2 -25.25 -0.37 -27.12
CA SER A 2 -24.98 -1.78 -26.86
C SER A 2 -23.51 -2.01 -26.55
N SER A 3 -23.22 -3.13 -25.92
CA SER A 3 -21.84 -3.47 -25.57
C SER A 3 -21.71 -4.96 -25.25
N GLY A 4 -20.56 -5.54 -25.59
CA GLY A 4 -20.33 -6.95 -25.34
C GLY A 4 -20.10 -7.24 -23.87
N SER A 5 -19.80 -8.49 -23.56
CA SER A 5 -19.55 -8.91 -22.18
C SER A 5 -18.16 -8.50 -21.73
N SER A 6 -18.10 -7.53 -20.82
CA SER A 6 -16.82 -7.04 -20.30
C SER A 6 -16.91 -6.81 -18.80
N GLY A 7 -15.76 -6.49 -18.19
CA GLY A 7 -15.71 -6.24 -16.77
C GLY A 7 -14.66 -7.07 -16.07
N MET A 8 -13.45 -7.05 -16.62
CA MET A 8 -12.34 -7.82 -16.04
C MET A 8 -11.31 -6.88 -15.41
N GLY A 9 -11.43 -6.65 -14.11
CA GLY A 9 -10.51 -5.77 -13.42
C GLY A 9 -10.34 -6.14 -11.97
N GLU A 10 -9.15 -5.89 -11.43
CA GLU A 10 -8.87 -6.20 -10.03
C GLU A 10 -8.16 -5.03 -9.34
N LYS A 11 -8.90 -4.32 -8.50
CA LYS A 11 -8.34 -3.18 -7.79
C LYS A 11 -6.88 -3.43 -7.40
N CYS A 12 -5.97 -2.73 -8.08
CA CYS A 12 -4.54 -2.88 -7.81
C CYS A 12 -4.09 -1.93 -6.71
N TYR A 13 -3.95 -2.46 -5.50
CA TYR A 13 -3.53 -1.66 -4.36
C TYR A 13 -2.08 -1.21 -4.51
N LYS A 14 -1.88 0.05 -4.88
CA LYS A 14 -0.54 0.60 -5.06
C LYS A 14 -0.14 1.47 -3.87
N CYS A 15 1.16 1.50 -3.58
CA CYS A 15 1.66 2.29 -2.47
C CYS A 15 2.33 3.57 -2.96
N ASP A 16 1.76 4.71 -2.57
CA ASP A 16 2.30 6.00 -2.98
C ASP A 16 3.57 6.34 -2.20
N VAL A 17 3.68 5.79 -0.99
CA VAL A 17 4.84 6.02 -0.14
C VAL A 17 6.14 5.74 -0.89
N CYS A 18 6.26 4.51 -1.40
CA CYS A 18 7.44 4.11 -2.14
C CYS A 18 7.12 3.87 -3.61
N GLY A 19 6.05 3.11 -3.86
CA GLY A 19 5.65 2.81 -5.22
C GLY A 19 5.42 1.34 -5.46
N LYS A 20 5.10 0.62 -4.39
CA LYS A 20 4.84 -0.81 -4.47
C LYS A 20 3.44 -1.09 -5.01
N GLU A 21 3.13 -2.36 -5.23
CA GLU A 21 1.83 -2.75 -5.75
C GLU A 21 1.48 -4.17 -5.30
N PHE A 22 0.31 -4.33 -4.70
CA PHE A 22 -0.16 -5.63 -4.22
C PHE A 22 -1.51 -5.98 -4.81
N SER A 23 -1.96 -7.21 -4.57
CA SER A 23 -3.24 -7.67 -5.09
C SER A 23 -4.29 -7.68 -3.98
N GLN A 24 -3.89 -8.07 -2.78
CA GLN A 24 -4.80 -8.13 -1.64
C GLN A 24 -4.68 -6.87 -0.80
N SER A 25 -5.81 -6.21 -0.55
CA SER A 25 -5.84 -4.98 0.24
C SER A 25 -5.02 -5.16 1.51
N SER A 26 -5.05 -6.36 2.08
CA SER A 26 -4.31 -6.65 3.30
C SER A 26 -2.81 -6.65 3.05
N HIS A 27 -2.41 -7.26 1.93
CA HIS A 27 -0.99 -7.33 1.58
C HIS A 27 -0.33 -5.96 1.69
N LEU A 28 -1.00 -4.94 1.17
CA LEU A 28 -0.48 -3.58 1.21
C LEU A 28 -0.36 -3.10 2.64
N GLN A 29 -1.45 -3.19 3.39
CA GLN A 29 -1.47 -2.75 4.78
C GLN A 29 -0.26 -3.28 5.53
N THR A 30 0.08 -4.55 5.30
CA THR A 30 1.22 -5.17 5.96
C THR A 30 2.53 -4.50 5.54
N HIS A 31 2.71 -4.33 4.24
CA HIS A 31 3.91 -3.70 3.71
C HIS A 31 4.14 -2.33 4.35
N GLN A 32 3.05 -1.58 4.54
CA GLN A 32 3.12 -0.26 5.13
C GLN A 32 3.89 -0.29 6.44
N ARG A 33 4.03 -1.49 7.01
CA ARG A 33 4.76 -1.66 8.27
C ARG A 33 6.18 -1.13 8.15
N VAL A 34 6.75 -1.25 6.95
CA VAL A 34 8.12 -0.77 6.72
C VAL A 34 8.18 0.74 6.74
N HIS A 35 7.09 1.39 6.35
CA HIS A 35 7.03 2.84 6.33
C HIS A 35 6.73 3.40 7.72
N THR A 36 6.06 2.59 8.54
CA THR A 36 5.72 3.00 9.90
C THR A 36 6.61 2.31 10.92
N GLY A 37 6.96 3.05 11.97
CA GLY A 37 7.81 2.50 13.01
C GLY A 37 8.64 3.56 13.71
N GLU A 38 8.02 4.70 14.00
CA GLU A 38 8.71 5.79 14.66
C GLU A 38 8.21 5.96 16.11
N LYS A 39 7.57 4.92 16.62
CA LYS A 39 7.05 4.94 17.98
C LYS A 39 8.19 5.04 19.00
N PRO A 40 9.09 4.05 18.99
CA PRO A 40 10.23 4.01 19.89
C PRO A 40 11.27 5.08 19.57
N SER A 41 11.09 6.26 20.16
CA SER A 41 12.00 7.37 19.93
C SER A 41 11.80 8.47 20.97
N GLY A 42 12.73 8.59 21.90
CA GLY A 42 12.63 9.60 22.93
C GLY A 42 13.17 9.12 24.27
N PRO A 43 12.37 8.35 25.00
CA PRO A 43 12.75 7.80 26.31
C PRO A 43 13.84 6.74 26.20
N SER A 44 13.63 5.78 25.31
CA SER A 44 14.59 4.70 25.11
C SER A 44 15.22 4.79 23.72
N SER A 45 16.28 5.58 23.61
CA SER A 45 16.97 5.76 22.34
C SER A 45 17.70 4.48 21.94
N GLY A 46 17.53 4.08 20.69
CA GLY A 46 18.17 2.86 20.20
C GLY A 46 18.79 3.06 18.83
ZN ZN B . 5.37 1.37 0.17
N GLY A 1 -12.29 14.85 -10.70
CA GLY A 1 -10.93 14.44 -10.97
C GLY A 1 -10.51 14.72 -12.41
N SER A 2 -9.40 15.42 -12.56
CA SER A 2 -8.90 15.77 -13.89
C SER A 2 -8.97 14.57 -14.83
N SER A 3 -8.36 13.46 -14.42
CA SER A 3 -8.35 12.24 -15.21
C SER A 3 -8.96 11.07 -14.44
N GLY A 4 -9.20 9.97 -15.14
CA GLY A 4 -9.76 8.80 -14.50
C GLY A 4 -8.72 7.94 -13.82
N SER A 5 -8.64 8.04 -12.50
CA SER A 5 -7.65 7.27 -11.74
C SER A 5 -8.31 6.04 -11.11
N SER A 6 -9.33 6.28 -10.29
CA SER A 6 -10.04 5.19 -9.63
C SER A 6 -10.82 4.35 -10.64
N GLY A 7 -10.68 3.03 -10.52
CA GLY A 7 -11.38 2.14 -11.43
C GLY A 7 -10.47 1.05 -11.99
N MET A 8 -10.45 0.92 -13.31
CA MET A 8 -9.61 -0.07 -13.96
C MET A 8 -10.02 -1.47 -13.54
N GLY A 9 -11.32 -1.72 -13.47
CA GLY A 9 -11.82 -3.03 -13.07
C GLY A 9 -11.01 -3.64 -11.95
N GLU A 10 -10.23 -4.67 -12.27
CA GLU A 10 -9.41 -5.34 -11.28
C GLU A 10 -8.75 -4.33 -10.33
N LYS A 11 -9.06 -4.44 -9.05
CA LYS A 11 -8.51 -3.55 -8.04
C LYS A 11 -6.99 -3.68 -7.97
N CYS A 12 -6.30 -2.55 -7.85
CA CYS A 12 -4.85 -2.55 -7.76
C CYS A 12 -4.37 -1.65 -6.63
N TYR A 13 -4.04 -2.26 -5.50
CA TYR A 13 -3.58 -1.52 -4.33
C TYR A 13 -2.11 -1.13 -4.48
N LYS A 14 -1.87 0.13 -4.80
CA LYS A 14 -0.51 0.64 -4.97
C LYS A 14 -0.08 1.48 -3.77
N CYS A 15 1.10 1.19 -3.24
CA CYS A 15 1.62 1.91 -2.08
C CYS A 15 2.06 3.32 -2.49
N ASP A 16 1.36 4.32 -1.99
CA ASP A 16 1.68 5.71 -2.29
C ASP A 16 2.78 6.23 -1.38
N VAL A 17 3.77 5.39 -1.12
CA VAL A 17 4.88 5.76 -0.26
C VAL A 17 6.22 5.47 -0.93
N CYS A 18 6.38 4.24 -1.41
CA CYS A 18 7.60 3.82 -2.08
C CYS A 18 7.36 3.53 -3.55
N GLY A 19 6.21 2.93 -3.85
CA GLY A 19 5.88 2.62 -5.23
C GLY A 19 5.67 1.12 -5.45
N LYS A 20 5.09 0.46 -4.45
CA LYS A 20 4.83 -0.98 -4.54
C LYS A 20 3.40 -1.25 -4.97
N GLU A 21 3.12 -2.49 -5.35
CA GLU A 21 1.78 -2.88 -5.79
C GLU A 21 1.44 -4.28 -5.29
N PHE A 22 0.23 -4.42 -4.74
CA PHE A 22 -0.21 -5.71 -4.22
C PHE A 22 -1.56 -6.10 -4.81
N SER A 23 -1.83 -7.39 -4.85
CA SER A 23 -3.09 -7.89 -5.41
C SER A 23 -4.25 -7.64 -4.44
N GLN A 24 -4.02 -7.92 -3.16
CA GLN A 24 -5.04 -7.73 -2.14
C GLN A 24 -4.78 -6.44 -1.36
N SER A 25 -5.72 -6.10 -0.49
CA SER A 25 -5.61 -4.89 0.32
C SER A 25 -4.64 -5.11 1.48
N SER A 26 -4.86 -6.19 2.22
CA SER A 26 -4.01 -6.52 3.37
C SER A 26 -2.54 -6.55 2.96
N HIS A 27 -2.25 -7.25 1.87
CA HIS A 27 -0.88 -7.37 1.38
C HIS A 27 -0.17 -6.02 1.44
N LEU A 28 -0.94 -4.94 1.32
CA LEU A 28 -0.37 -3.60 1.37
C LEU A 28 -0.29 -3.09 2.80
N GLN A 29 -1.43 -3.03 3.48
CA GLN A 29 -1.48 -2.57 4.86
C GLN A 29 -0.33 -3.16 5.66
N THR A 30 -0.01 -4.42 5.42
CA THR A 30 1.07 -5.09 6.12
C THR A 30 2.43 -4.54 5.70
N HIS A 31 2.59 -4.31 4.40
CA HIS A 31 3.84 -3.78 3.87
C HIS A 31 4.07 -2.35 4.35
N GLN A 32 2.98 -1.60 4.49
CA GLN A 32 3.05 -0.21 4.93
C GLN A 32 3.91 -0.09 6.18
N ARG A 33 3.98 -1.17 6.97
CA ARG A 33 4.76 -1.17 8.19
C ARG A 33 6.21 -0.78 7.92
N VAL A 34 6.68 -1.07 6.72
CA VAL A 34 8.05 -0.75 6.33
C VAL A 34 8.26 0.75 6.27
N HIS A 35 7.16 1.50 6.31
CA HIS A 35 7.23 2.96 6.26
C HIS A 35 6.71 3.57 7.56
N THR A 36 5.77 2.88 8.20
CA THR A 36 5.19 3.36 9.44
C THR A 36 6.27 3.70 10.46
N GLY A 37 5.90 4.49 11.46
CA GLY A 37 6.86 4.89 12.48
C GLY A 37 8.03 5.65 11.90
N GLU A 38 8.87 6.20 12.78
CA GLU A 38 10.04 6.95 12.35
C GLU A 38 11.29 6.07 12.37
N LYS A 39 11.48 5.32 11.29
CA LYS A 39 12.63 4.43 11.19
C LYS A 39 13.27 4.55 9.81
N PRO A 40 13.67 5.78 9.44
CA PRO A 40 14.31 6.06 8.15
C PRO A 40 15.71 5.46 8.06
N SER A 41 16.13 4.77 9.11
CA SER A 41 17.45 4.14 9.15
C SER A 41 18.55 5.21 9.18
N GLY A 42 18.30 6.28 9.93
CA GLY A 42 19.27 7.35 10.02
C GLY A 42 18.62 8.69 10.29
N PRO A 43 18.32 8.97 11.57
CA PRO A 43 17.70 10.23 11.98
C PRO A 43 18.64 11.42 11.84
N SER A 44 19.88 11.25 12.30
CA SER A 44 20.87 12.31 12.22
C SER A 44 21.41 12.46 10.79
N SER A 45 21.72 11.33 10.17
CA SER A 45 22.25 11.34 8.81
C SER A 45 21.50 10.32 7.93
N GLY A 46 20.92 10.82 6.85
CA GLY A 46 20.19 9.95 5.95
C GLY A 46 19.25 10.72 5.03
ZN ZN B . 5.58 0.97 0.30
N GLY A 1 3.68 -7.38 -24.85
CA GLY A 1 2.61 -6.90 -25.71
C GLY A 1 1.63 -6.00 -24.98
N SER A 2 0.39 -6.46 -24.84
CA SER A 2 -0.64 -5.70 -24.16
C SER A 2 -0.55 -4.21 -24.53
N SER A 3 -0.32 -3.95 -25.82
CA SER A 3 -0.22 -2.58 -26.30
C SER A 3 -1.56 -2.07 -26.81
N GLY A 4 -2.61 -2.38 -26.06
CA GLY A 4 -3.95 -1.94 -26.45
C GLY A 4 -5.04 -2.80 -25.83
N SER A 5 -5.00 -2.93 -24.51
CA SER A 5 -5.98 -3.73 -23.79
C SER A 5 -6.28 -3.13 -22.41
N SER A 6 -7.55 -2.90 -22.13
CA SER A 6 -7.95 -2.33 -20.85
C SER A 6 -8.52 -3.40 -19.93
N GLY A 7 -7.83 -3.65 -18.82
CA GLY A 7 -8.28 -4.64 -17.88
C GLY A 7 -8.54 -4.07 -16.49
N MET A 8 -9.55 -3.22 -16.39
CA MET A 8 -9.90 -2.59 -15.12
C MET A 8 -10.89 -3.45 -14.35
N GLY A 9 -11.25 -3.01 -13.15
CA GLY A 9 -12.19 -3.75 -12.33
C GLY A 9 -11.59 -4.17 -10.99
N GLU A 10 -10.77 -5.21 -11.01
CA GLU A 10 -10.13 -5.70 -9.80
C GLU A 10 -9.28 -4.61 -9.15
N LYS A 11 -9.44 -4.45 -7.84
CA LYS A 11 -8.68 -3.46 -7.09
C LYS A 11 -7.19 -3.75 -7.13
N CYS A 12 -6.40 -2.73 -7.43
CA CYS A 12 -4.95 -2.89 -7.50
C CYS A 12 -4.26 -2.02 -6.46
N TYR A 13 -4.40 -2.39 -5.20
CA TYR A 13 -3.80 -1.64 -4.09
C TYR A 13 -2.34 -1.33 -4.39
N LYS A 14 -2.01 -0.04 -4.40
CA LYS A 14 -0.65 0.40 -4.67
C LYS A 14 -0.17 1.39 -3.61
N CYS A 15 1.13 1.36 -3.32
CA CYS A 15 1.71 2.26 -2.33
C CYS A 15 2.33 3.48 -3.00
N ASP A 16 2.01 4.66 -2.48
CA ASP A 16 2.54 5.91 -3.03
C ASP A 16 3.85 6.28 -2.33
N VAL A 17 4.02 5.82 -1.10
CA VAL A 17 5.23 6.12 -0.34
C VAL A 17 6.48 5.74 -1.12
N CYS A 18 6.54 4.49 -1.56
CA CYS A 18 7.68 4.00 -2.32
C CYS A 18 7.29 3.71 -3.77
N GLY A 19 6.15 3.04 -3.94
CA GLY A 19 5.68 2.72 -5.28
C GLY A 19 5.51 1.22 -5.48
N LYS A 20 4.96 0.56 -4.47
CA LYS A 20 4.75 -0.89 -4.54
C LYS A 20 3.35 -1.20 -5.07
N GLU A 21 3.16 -2.42 -5.57
CA GLU A 21 1.88 -2.84 -6.11
C GLU A 21 1.49 -4.22 -5.57
N PHE A 22 0.28 -4.31 -5.04
CA PHE A 22 -0.22 -5.57 -4.49
C PHE A 22 -1.58 -5.92 -5.07
N SER A 23 -1.95 -7.19 -4.99
CA SER A 23 -3.23 -7.66 -5.50
C SER A 23 -4.33 -7.55 -4.45
N GLN A 24 -4.00 -7.92 -3.22
CA GLN A 24 -4.96 -7.86 -2.12
C GLN A 24 -4.70 -6.62 -1.26
N SER A 25 -5.67 -6.31 -0.40
CA SER A 25 -5.55 -5.16 0.49
C SER A 25 -4.62 -5.45 1.65
N SER A 26 -4.97 -6.47 2.44
CA SER A 26 -4.15 -6.85 3.59
C SER A 26 -2.66 -6.79 3.25
N HIS A 27 -2.31 -7.25 2.06
CA HIS A 27 -0.93 -7.25 1.62
C HIS A 27 -0.32 -5.86 1.74
N LEU A 28 -1.03 -4.86 1.23
CA LEU A 28 -0.56 -3.47 1.29
C LEU A 28 -0.41 -3.01 2.73
N GLN A 29 -1.48 -3.15 3.50
CA GLN A 29 -1.46 -2.74 4.91
C GLN A 29 -0.24 -3.29 5.62
N THR A 30 0.06 -4.56 5.38
CA THR A 30 1.20 -5.21 6.01
C THR A 30 2.51 -4.57 5.56
N HIS A 31 2.62 -4.28 4.28
CA HIS A 31 3.82 -3.65 3.72
C HIS A 31 4.11 -2.33 4.42
N GLN A 32 3.09 -1.47 4.52
CA GLN A 32 3.23 -0.18 5.17
C GLN A 32 4.05 -0.30 6.45
N ARG A 33 4.00 -1.47 7.07
CA ARG A 33 4.73 -1.72 8.31
C ARG A 33 6.12 -1.09 8.25
N VAL A 34 6.72 -1.10 7.05
CA VAL A 34 8.05 -0.53 6.86
C VAL A 34 8.02 0.98 6.96
N HIS A 35 6.98 1.59 6.40
CA HIS A 35 6.83 3.04 6.43
C HIS A 35 6.33 3.51 7.79
N THR A 36 5.60 2.64 8.48
CA THR A 36 5.05 2.96 9.79
C THR A 36 5.90 2.36 10.90
N GLY A 37 5.96 3.04 12.04
CA GLY A 37 6.74 2.55 13.17
C GLY A 37 6.07 1.37 13.86
N GLU A 38 6.32 1.24 15.16
CA GLU A 38 5.74 0.14 15.93
C GLU A 38 4.63 0.65 16.84
N LYS A 39 3.67 -0.22 17.13
CA LYS A 39 2.54 0.14 17.99
C LYS A 39 2.06 1.56 17.70
N PRO A 40 1.77 1.84 16.41
CA PRO A 40 1.30 3.15 15.98
C PRO A 40 -0.11 3.46 16.46
N SER A 41 -0.96 2.43 16.47
CA SER A 41 -2.35 2.59 16.91
C SER A 41 -2.49 2.23 18.38
N GLY A 42 -1.74 1.23 18.81
CA GLY A 42 -1.79 0.81 20.20
C GLY A 42 -0.89 -0.38 20.49
N PRO A 43 -1.11 -1.03 21.64
CA PRO A 43 -0.32 -2.19 22.05
C PRO A 43 -0.60 -3.42 21.19
N SER A 44 -1.45 -3.25 20.19
CA SER A 44 -1.81 -4.34 19.30
C SER A 44 -0.57 -4.90 18.60
N SER A 45 0.20 -5.70 19.32
CA SER A 45 1.42 -6.29 18.78
C SER A 45 2.06 -7.25 19.76
N GLY A 46 2.97 -8.09 19.28
CA GLY A 46 3.63 -9.05 20.14
C GLY A 46 2.67 -10.04 20.75
ZN ZN B . 5.55 1.48 0.17
N GLY A 1 -19.46 -7.94 -24.57
CA GLY A 1 -19.37 -7.39 -23.24
C GLY A 1 -18.27 -8.04 -22.42
N SER A 2 -17.04 -7.99 -22.92
CA SER A 2 -15.91 -8.58 -22.22
C SER A 2 -14.72 -7.62 -22.20
N SER A 3 -14.26 -7.29 -21.00
CA SER A 3 -13.14 -6.38 -20.84
C SER A 3 -11.97 -7.06 -20.12
N GLY A 4 -10.85 -7.17 -20.80
CA GLY A 4 -9.68 -7.80 -20.21
C GLY A 4 -9.72 -9.31 -20.33
N SER A 5 -8.85 -9.99 -19.60
CA SER A 5 -8.79 -11.45 -19.63
C SER A 5 -8.86 -12.02 -18.22
N SER A 6 -8.04 -11.48 -17.32
CA SER A 6 -8.01 -11.94 -15.93
C SER A 6 -8.11 -10.77 -14.97
N GLY A 7 -7.17 -9.83 -15.09
CA GLY A 7 -7.16 -8.67 -14.21
C GLY A 7 -7.31 -9.04 -12.75
N MET A 8 -6.59 -10.08 -12.33
CA MET A 8 -6.65 -10.54 -10.95
C MET A 8 -6.67 -9.36 -9.99
N GLY A 9 -7.39 -9.51 -8.87
CA GLY A 9 -7.47 -8.45 -7.89
C GLY A 9 -7.67 -7.08 -8.53
N GLU A 10 -8.89 -6.80 -8.96
CA GLU A 10 -9.20 -5.52 -9.60
C GLU A 10 -8.69 -4.36 -8.75
N LYS A 11 -8.51 -4.60 -7.47
CA LYS A 11 -8.02 -3.58 -6.54
C LYS A 11 -6.52 -3.38 -6.71
N CYS A 12 -6.14 -2.39 -7.52
CA CYS A 12 -4.74 -2.09 -7.77
C CYS A 12 -4.13 -1.33 -6.59
N TYR A 13 -4.16 -1.95 -5.42
CA TYR A 13 -3.62 -1.32 -4.21
C TYR A 13 -2.13 -1.03 -4.38
N LYS A 14 -1.80 0.25 -4.44
CA LYS A 14 -0.41 0.67 -4.59
C LYS A 14 0.06 1.45 -3.36
N CYS A 15 1.37 1.44 -3.12
CA CYS A 15 1.94 2.15 -1.99
C CYS A 15 2.61 3.45 -2.44
N ASP A 16 1.79 4.42 -2.82
CA ASP A 16 2.29 5.71 -3.28
C ASP A 16 3.56 6.09 -2.51
N VAL A 17 3.61 5.72 -1.24
CA VAL A 17 4.77 6.01 -0.40
C VAL A 17 6.07 5.72 -1.12
N CYS A 18 6.27 4.46 -1.49
CA CYS A 18 7.47 4.04 -2.20
C CYS A 18 7.17 3.73 -3.66
N GLY A 19 6.10 2.98 -3.89
CA GLY A 19 5.72 2.62 -5.24
C GLY A 19 5.51 1.12 -5.41
N LYS A 20 4.94 0.49 -4.40
CA LYS A 20 4.68 -0.95 -4.44
C LYS A 20 3.27 -1.24 -4.93
N GLU A 21 3.05 -2.46 -5.41
CA GLU A 21 1.74 -2.85 -5.92
C GLU A 21 1.37 -4.25 -5.43
N PHE A 22 0.23 -4.36 -4.77
CA PHE A 22 -0.24 -5.64 -4.25
C PHE A 22 -1.58 -6.02 -4.86
N SER A 23 -2.04 -7.24 -4.57
CA SER A 23 -3.31 -7.72 -5.09
C SER A 23 -4.40 -7.65 -4.02
N GLN A 24 -4.04 -8.04 -2.81
CA GLN A 24 -4.99 -8.02 -1.70
C GLN A 24 -4.77 -6.80 -0.81
N SER A 25 -5.86 -6.13 -0.44
CA SER A 25 -5.78 -4.95 0.40
C SER A 25 -4.83 -5.17 1.57
N SER A 26 -4.84 -6.39 2.11
CA SER A 26 -3.98 -6.74 3.23
C SER A 26 -2.51 -6.71 2.82
N HIS A 27 -2.20 -7.33 1.69
CA HIS A 27 -0.83 -7.38 1.19
C HIS A 27 -0.17 -6.02 1.33
N LEU A 28 -0.93 -4.96 1.11
CA LEU A 28 -0.41 -3.60 1.20
C LEU A 28 -0.30 -3.16 2.66
N GLN A 29 -1.43 -3.11 3.34
CA GLN A 29 -1.46 -2.70 4.74
C GLN A 29 -0.29 -3.30 5.51
N THR A 30 0.12 -4.51 5.12
CA THR A 30 1.22 -5.18 5.77
C THR A 30 2.56 -4.52 5.42
N HIS A 31 2.81 -4.34 4.12
CA HIS A 31 4.04 -3.72 3.66
C HIS A 31 4.20 -2.32 4.25
N GLN A 32 3.06 -1.66 4.51
CA GLN A 32 3.08 -0.32 5.08
C GLN A 32 3.86 -0.29 6.39
N ARG A 33 4.01 -1.45 7.01
CA ARG A 33 4.74 -1.55 8.27
C ARG A 33 6.16 -0.98 8.13
N VAL A 34 6.69 -1.04 6.91
CA VAL A 34 8.03 -0.52 6.66
C VAL A 34 8.05 1.00 6.68
N HIS A 35 6.86 1.61 6.57
CA HIS A 35 6.75 3.06 6.58
C HIS A 35 6.02 3.53 7.84
N THR A 36 5.25 2.63 8.45
CA THR A 36 4.50 2.96 9.66
C THR A 36 5.22 2.46 10.90
N GLY A 37 5.80 1.26 10.80
CA GLY A 37 6.51 0.68 11.93
C GLY A 37 7.22 1.73 12.76
N GLU A 38 6.63 2.10 13.90
CA GLU A 38 7.22 3.09 14.78
C GLU A 38 7.93 4.17 13.97
N LYS A 39 7.26 4.69 12.96
CA LYS A 39 7.83 5.73 12.11
C LYS A 39 6.82 6.85 11.86
N PRO A 40 6.33 7.46 12.95
CA PRO A 40 5.35 8.55 12.88
C PRO A 40 5.96 9.83 12.32
N SER A 41 5.15 10.89 12.26
CA SER A 41 5.61 12.17 11.74
C SER A 41 5.37 13.28 12.76
N GLY A 42 6.41 13.63 13.51
CA GLY A 42 6.30 14.67 14.51
C GLY A 42 7.37 15.72 14.38
N PRO A 43 7.54 16.54 15.43
CA PRO A 43 8.53 17.61 15.45
C PRO A 43 9.96 17.07 15.53
N SER A 44 10.69 17.17 14.42
CA SER A 44 12.07 16.68 14.37
C SER A 44 13.01 17.65 15.07
N SER A 45 13.43 17.29 16.28
CA SER A 45 14.33 18.13 17.06
C SER A 45 14.94 17.36 18.22
N GLY A 46 16.05 17.86 18.75
CA GLY A 46 16.70 17.19 19.87
C GLY A 46 16.81 15.70 19.67
ZN ZN B . 5.76 1.15 0.50
N GLY A 1 11.14 -4.75 -18.23
CA GLY A 1 10.24 -5.35 -17.25
C GLY A 1 10.97 -5.80 -15.99
N SER A 2 11.68 -4.88 -15.37
CA SER A 2 12.43 -5.18 -14.16
C SER A 2 11.50 -5.62 -13.03
N SER A 3 10.52 -4.77 -12.71
CA SER A 3 9.56 -5.06 -11.66
C SER A 3 8.59 -6.16 -12.10
N GLY A 4 7.94 -6.80 -11.13
CA GLY A 4 7.00 -7.86 -11.44
C GLY A 4 5.56 -7.44 -11.18
N SER A 5 4.74 -7.52 -12.22
CA SER A 5 3.34 -7.13 -12.11
C SER A 5 2.43 -8.24 -12.66
N SER A 6 1.57 -8.77 -11.79
CA SER A 6 0.65 -9.83 -12.18
C SER A 6 -0.67 -9.70 -11.43
N GLY A 7 -1.64 -10.53 -11.82
CA GLY A 7 -2.94 -10.50 -11.18
C GLY A 7 -3.72 -9.23 -11.50
N MET A 8 -4.41 -9.22 -12.62
CA MET A 8 -5.19 -8.08 -13.04
C MET A 8 -6.58 -8.09 -12.41
N GLY A 9 -6.70 -7.49 -11.23
CA GLY A 9 -7.98 -7.46 -10.54
C GLY A 9 -8.68 -6.12 -10.69
N GLU A 10 -9.87 -6.02 -10.11
CA GLU A 10 -10.65 -4.78 -10.19
C GLU A 10 -10.00 -3.68 -9.33
N LYS A 11 -9.27 -4.10 -8.31
CA LYS A 11 -8.61 -3.15 -7.41
C LYS A 11 -7.09 -3.30 -7.51
N CYS A 12 -6.40 -2.16 -7.53
CA CYS A 12 -4.94 -2.17 -7.61
C CYS A 12 -4.32 -1.44 -6.42
N TYR A 13 -4.11 -2.17 -5.33
CA TYR A 13 -3.54 -1.60 -4.12
C TYR A 13 -2.07 -1.24 -4.33
N LYS A 14 -1.82 0.05 -4.57
CA LYS A 14 -0.46 0.53 -4.78
C LYS A 14 -0.02 1.44 -3.65
N CYS A 15 1.20 1.22 -3.16
CA CYS A 15 1.74 2.02 -2.07
C CYS A 15 2.16 3.41 -2.57
N ASP A 16 1.58 4.44 -1.96
CA ASP A 16 1.90 5.82 -2.35
C ASP A 16 3.04 6.37 -1.50
N VAL A 17 3.93 5.50 -1.06
CA VAL A 17 5.07 5.90 -0.24
C VAL A 17 6.38 5.63 -0.96
N CYS A 18 6.58 4.40 -1.38
CA CYS A 18 7.80 4.01 -2.08
C CYS A 18 7.52 3.72 -3.55
N GLY A 19 6.43 3.00 -3.81
CA GLY A 19 6.07 2.67 -5.18
C GLY A 19 5.85 1.18 -5.37
N LYS A 20 5.25 0.54 -4.38
CA LYS A 20 4.97 -0.89 -4.44
C LYS A 20 3.56 -1.14 -4.95
N GLU A 21 3.23 -2.42 -5.17
CA GLU A 21 1.91 -2.79 -5.66
C GLU A 21 1.54 -4.20 -5.19
N PHE A 22 0.28 -4.37 -4.81
CA PHE A 22 -0.20 -5.68 -4.33
C PHE A 22 -1.59 -5.97 -4.89
N SER A 23 -2.07 -7.18 -4.65
CA SER A 23 -3.39 -7.60 -5.13
C SER A 23 -4.41 -7.59 -3.99
N GLN A 24 -3.97 -8.04 -2.82
CA GLN A 24 -4.85 -8.09 -1.65
C GLN A 24 -4.74 -6.81 -0.83
N SER A 25 -5.88 -6.30 -0.38
CA SER A 25 -5.91 -5.07 0.41
C SER A 25 -5.00 -5.20 1.64
N SER A 26 -5.06 -6.35 2.29
CA SER A 26 -4.25 -6.60 3.48
C SER A 26 -2.77 -6.65 3.13
N HIS A 27 -2.46 -7.29 2.01
CA HIS A 27 -1.08 -7.41 1.56
C HIS A 27 -0.38 -6.06 1.54
N LEU A 28 -1.10 -5.04 1.06
CA LEU A 28 -0.56 -3.69 0.99
C LEU A 28 -0.33 -3.12 2.39
N GLN A 29 -1.36 -3.19 3.22
CA GLN A 29 -1.27 -2.68 4.59
C GLN A 29 -0.06 -3.27 5.31
N THR A 30 0.14 -4.58 5.15
CA THR A 30 1.26 -5.26 5.79
C THR A 30 2.58 -4.63 5.38
N HIS A 31 2.73 -4.36 4.09
CA HIS A 31 3.96 -3.76 3.57
C HIS A 31 4.13 -2.32 4.08
N GLN A 32 3.03 -1.57 4.08
CA GLN A 32 3.06 -0.19 4.54
C GLN A 32 3.82 -0.07 5.86
N ARG A 33 3.85 -1.16 6.62
CA ARG A 33 4.54 -1.17 7.90
C ARG A 33 5.98 -0.68 7.75
N VAL A 34 6.61 -1.05 6.64
CA VAL A 34 7.98 -0.64 6.37
C VAL A 34 8.13 0.88 6.44
N HIS A 35 7.00 1.57 6.43
CA HIS A 35 7.01 3.04 6.49
C HIS A 35 6.35 3.52 7.78
N THR A 36 5.41 2.74 8.30
CA THR A 36 4.70 3.10 9.52
C THR A 36 5.69 3.51 10.62
N GLY A 37 5.48 4.71 11.17
CA GLY A 37 6.35 5.20 12.22
C GLY A 37 7.39 6.18 11.70
N GLU A 38 8.08 5.80 10.63
CA GLU A 38 9.11 6.66 10.04
C GLU A 38 8.54 8.03 9.70
N LYS A 39 8.48 8.91 10.70
CA LYS A 39 7.95 10.26 10.50
C LYS A 39 8.92 11.10 9.67
N PRO A 40 10.16 11.26 10.17
CA PRO A 40 11.19 12.04 9.50
C PRO A 40 11.68 11.36 8.22
N SER A 41 11.47 12.00 7.08
CA SER A 41 11.89 11.46 5.79
C SER A 41 12.94 12.35 5.15
N GLY A 42 14.19 11.94 5.22
CA GLY A 42 15.27 12.72 4.64
C GLY A 42 15.03 13.02 3.17
N PRO A 43 15.12 11.99 2.32
CA PRO A 43 14.93 12.13 0.87
C PRO A 43 13.47 12.40 0.52
N SER A 44 12.63 12.52 1.54
CA SER A 44 11.20 12.78 1.33
C SER A 44 10.63 11.84 0.28
N SER A 45 11.04 10.57 0.34
CA SER A 45 10.57 9.57 -0.60
C SER A 45 9.05 9.55 -0.66
N GLY A 46 8.50 9.61 -1.87
CA GLY A 46 7.06 9.60 -2.04
C GLY A 46 6.57 8.39 -2.82
ZN ZN B . 5.79 1.24 0.31
#